data_5XA7
#
_entry.id   5XA7
#
_cell.length_a   166.200
_cell.length_b   64.545
_cell.length_c   146.220
_cell.angle_alpha   90.00
_cell.angle_beta   98.12
_cell.angle_gamma   90.00
#
_symmetry.space_group_name_H-M   'C 1 2 1'
#
loop_
_entity.id
_entity.type
_entity.pdbx_description
1 polymer 'Sarcoplasmic/endoplasmic reticulum calcium ATPase 1'
2 non-polymer 'CALCIUM ION'
3 non-polymer 'SODIUM ION'
4 non-polymer 1,2-DIOLEOYL-SN-GLYCERO-3-PHOSPHOCHOLINE
5 water water
#
_entity_poly.entity_id   1
_entity_poly.type   'polypeptide(L)'
_entity_poly.pdbx_seq_one_letter_code
;(ACE)MEAAHSKSTEECLAYFGVSETTGLTPDQVKRHLEKYGHNELPAEEGKSLWELVIEQFEDLLVRILLLAACISFVL
AWFEEGEETITAFVEPFVILLILIANAIVGVWQERNAENAIEALKEYEPEMGKVYRADRKSVQRIKARDIVPGDIVEVAV
GDKVPADIRILSIKSTTLRVDQSILTGESVSVIKHTEPVPDPRAVNQDKKNMLFSGTNIAAGKALGIVATTGVSTEIGKI
RDQMAATEQDKTPLQQKLDEFGEQLSKVISLICVAVWLINIGHFNDPVHGGSWIRGAIYYFKIAVALAVAAIPEGLPAVI
TTCLALGTRRMAKKNAIVRSLPSVETLGCTSVICSDKTGTLTTNQMSVCKMFIIDKVDGDFCSLNEFSITGSTYAPEGEV
LKNDKPIRSGQFDGLVELATICALCNDSSLDFNETKGVYEKVGEATETALTTLVEKMNVFNTEVRNLSKVERANACNSVI
RQLMKKEFTLEFSRDRKSMSVYCSPAKSSRAAVGNKMFVKGAPEGVIDRCNYVRVGTTRVPMTGPVKEKILSVIKEWGTG
RDTLRCLALATRDTPPKREEMVLDDSSRFMEYETDLTFVGVVGMLDPPRKEVMGSIQLCRDAGIRVIMITGDNKGTAIAI
CRRIGIFGENEEVADRAYTGREFDDLPLAEQREACRRACCFARVEPSHKSKIVEYLQSYDEITAMTGDGVNDAPALKKAE
IGIAMGSGTAVAKTASEMVLADDNFSTIVAAVEEGRAIYNNMKQFIRYLISSNVGEVVCIFLTAALGLPEALIPVQLLWV
NLVTDGLPATALGFNPPDLDIMDRPPRSPKEPLISGWLFFRYMAIGGYVGAATVGAAAWWFMYAEDGPGVTYHQLTHFMQ
CTEDHPHFEGLDCEIFEAPEPMTMALSVLVTIEMCNALNSLSENQSLMRMPPWVNIWLLGSICLSMSLHFLILYVDPLPM
IFKLKALDLTQWLMVLKISLPVIGLDEILKFIARNYLEG
;
_entity_poly.pdbx_strand_id   A
#
# COMPACT_ATOMS: atom_id res chain seq x y z
N MET A 2 6.42 -39.00 4.03
CA MET A 2 6.13 -40.18 4.84
C MET A 2 4.63 -40.45 4.91
N GLU A 3 4.18 -41.46 4.17
CA GLU A 3 2.77 -41.84 4.16
C GLU A 3 2.45 -42.76 5.33
N ALA A 4 1.20 -42.69 5.80
CA ALA A 4 0.73 -43.49 6.93
C ALA A 4 1.60 -43.30 8.16
N ALA A 5 2.00 -42.05 8.41
CA ALA A 5 2.82 -41.72 9.58
C ALA A 5 2.03 -41.90 10.87
N HIS A 6 0.70 -41.82 10.76
CA HIS A 6 -0.16 -42.02 11.92
C HIS A 6 -0.09 -43.46 12.40
N SER A 7 0.21 -44.37 11.48
CA SER A 7 0.32 -45.79 11.81
C SER A 7 1.59 -46.09 12.58
N LYS A 8 2.65 -45.37 12.26
CA LYS A 8 3.95 -45.58 12.90
C LYS A 8 4.08 -44.76 14.18
N SER A 9 5.02 -45.15 15.03
CA SER A 9 5.25 -44.47 16.30
C SER A 9 6.11 -43.22 16.12
N THR A 10 6.39 -42.55 17.22
CA THR A 10 7.27 -41.38 17.20
C THR A 10 8.68 -41.78 16.82
N GLU A 11 9.17 -42.86 17.44
CA GLU A 11 10.51 -43.36 17.17
C GLU A 11 10.64 -43.80 15.71
N GLU A 12 9.61 -44.46 15.19
CA GLU A 12 9.61 -44.91 13.81
C GLU A 12 9.60 -43.75 12.83
N CYS A 13 8.90 -42.68 13.20
CA CYS A 13 8.82 -41.49 12.35
C CYS A 13 10.13 -40.71 12.38
N LEU A 14 10.75 -40.63 13.55
CA LEU A 14 12.04 -39.97 13.70
C LEU A 14 13.13 -40.72 12.94
N ALA A 15 13.01 -42.04 12.90
CA ALA A 15 13.99 -42.88 12.23
C ALA A 15 13.81 -42.85 10.71
N TYR A 16 12.59 -42.54 10.27
CA TYR A 16 12.27 -42.52 8.85
C TYR A 16 13.10 -41.49 8.10
N PHE A 17 13.34 -40.36 8.73
CA PHE A 17 14.17 -39.31 8.12
C PHE A 17 15.52 -39.19 8.81
N GLY A 18 15.74 -40.02 9.83
CA GLY A 18 16.98 -40.02 10.57
C GLY A 18 17.31 -38.67 11.18
N VAL A 19 16.38 -38.15 11.96
CA VAL A 19 16.52 -36.82 12.55
C VAL A 19 16.18 -36.82 14.03
N SER A 20 17.05 -36.21 14.84
CA SER A 20 16.78 -36.06 16.26
C SER A 20 15.85 -34.88 16.51
N GLU A 21 14.89 -35.05 17.41
CA GLU A 21 13.94 -33.99 17.71
C GLU A 21 14.55 -32.94 18.63
N THR A 22 15.79 -33.15 19.02
CA THR A 22 16.50 -32.20 19.86
C THR A 22 17.57 -31.47 19.04
N THR A 23 17.61 -31.77 17.73
CA THR A 23 18.57 -31.14 16.83
C THR A 23 17.88 -30.55 15.61
N GLY A 24 17.30 -31.42 14.78
CA GLY A 24 16.65 -30.99 13.56
C GLY A 24 17.42 -31.42 12.33
N LEU A 25 16.93 -31.02 11.16
CA LEU A 25 17.56 -31.40 9.89
C LEU A 25 18.84 -30.60 9.63
N THR A 26 19.85 -31.30 9.10
CA THR A 26 21.07 -30.65 8.66
C THR A 26 20.83 -29.98 7.31
N PRO A 27 21.66 -28.97 6.97
CA PRO A 27 21.53 -28.29 5.67
C PRO A 27 21.56 -29.27 4.48
N ASP A 28 22.33 -30.35 4.61
CA ASP A 28 22.39 -31.37 3.57
C ASP A 28 21.05 -32.07 3.43
N GLN A 29 20.36 -32.28 4.54
CA GLN A 29 19.06 -32.92 4.55
C GLN A 29 18.00 -32.00 3.98
N VAL A 30 18.02 -30.74 4.39
CA VAL A 30 17.04 -29.76 3.95
C VAL A 30 17.11 -29.55 2.44
N LYS A 31 18.33 -29.45 1.92
CA LYS A 31 18.54 -29.25 0.49
C LYS A 31 18.00 -30.43 -0.33
N ARG A 32 18.30 -31.63 0.12
CA ARG A 32 17.89 -32.84 -0.58
C ARG A 32 16.38 -33.07 -0.47
N HIS A 33 15.82 -32.81 0.70
CA HIS A 33 14.40 -33.00 0.93
C HIS A 33 13.57 -32.01 0.11
N LEU A 34 14.04 -30.77 0.02
CA LEU A 34 13.36 -29.75 -0.75
C LEU A 34 13.42 -30.07 -2.23
N GLU A 35 14.50 -30.72 -2.64
CA GLU A 35 14.67 -31.14 -4.02
C GLU A 35 13.73 -32.29 -4.38
N LYS A 36 13.61 -33.25 -3.46
CA LYS A 36 12.83 -34.45 -3.72
C LYS A 36 11.33 -34.27 -3.47
N TYR A 37 10.99 -33.49 -2.45
CA TYR A 37 9.59 -33.33 -2.06
C TYR A 37 8.97 -32.03 -2.55
N GLY A 38 9.81 -31.07 -2.91
CA GLY A 38 9.34 -29.80 -3.41
C GLY A 38 9.00 -28.82 -2.30
N HIS A 39 7.89 -28.10 -2.46
CA HIS A 39 7.46 -27.14 -1.46
C HIS A 39 6.07 -27.46 -0.93
N ASN A 40 5.71 -26.85 0.20
CA ASN A 40 4.42 -27.08 0.83
C ASN A 40 3.36 -26.16 0.25
N GLU A 41 2.90 -26.50 -0.96
CA GLU A 41 1.89 -25.70 -1.65
C GLU A 41 1.28 -26.45 -2.83
N LEU A 42 0.20 -25.91 -3.36
CA LEU A 42 -0.44 -26.47 -4.55
C LEU A 42 0.07 -25.77 -5.81
N PRO A 43 0.14 -26.49 -6.93
CA PRO A 43 0.66 -25.93 -8.18
C PRO A 43 -0.18 -24.76 -8.69
N ALA A 44 0.49 -23.71 -9.17
CA ALA A 44 -0.20 -22.54 -9.71
C ALA A 44 -0.92 -22.88 -11.01
N GLU A 45 -2.23 -22.58 -11.05
CA GLU A 45 -3.05 -22.87 -12.22
C GLU A 45 -2.61 -22.05 -13.43
N GLU A 46 -2.77 -22.62 -14.62
CA GLU A 46 -2.42 -21.95 -15.86
C GLU A 46 -3.15 -20.63 -16.01
N GLY A 47 -2.40 -19.53 -15.93
CA GLY A 47 -2.98 -18.20 -16.05
C GLY A 47 -3.12 -17.75 -17.49
N LYS A 48 -3.94 -18.47 -18.25
CA LYS A 48 -4.19 -18.14 -19.65
C LYS A 48 -5.46 -17.32 -19.78
N SER A 49 -5.34 -16.02 -19.53
CA SER A 49 -6.49 -15.12 -19.54
C SER A 49 -7.11 -14.97 -20.92
N LEU A 50 -8.31 -14.40 -20.97
CA LEU A 50 -9.01 -14.20 -22.24
C LEU A 50 -8.28 -13.19 -23.10
N TRP A 51 -7.63 -12.22 -22.45
CA TRP A 51 -6.88 -11.19 -23.16
C TRP A 51 -5.75 -11.79 -23.99
N GLU A 52 -5.16 -12.87 -23.47
CA GLU A 52 -4.05 -13.53 -24.16
C GLU A 52 -4.47 -14.16 -25.49
N LEU A 53 -5.65 -14.78 -25.50
CA LEU A 53 -6.12 -15.46 -26.70
C LEU A 53 -6.70 -14.49 -27.73
N VAL A 54 -7.49 -13.54 -27.24
CA VAL A 54 -8.24 -12.65 -28.13
C VAL A 54 -7.39 -11.48 -28.63
N ILE A 55 -6.34 -11.13 -27.89
CA ILE A 55 -5.50 -10.00 -28.29
C ILE A 55 -4.06 -10.43 -28.62
N GLU A 56 -3.40 -11.07 -27.67
CA GLU A 56 -1.99 -11.43 -27.86
C GLU A 56 -1.79 -12.50 -28.92
N GLN A 57 -2.51 -13.62 -28.78
CA GLN A 57 -2.41 -14.70 -29.76
C GLN A 57 -2.95 -14.26 -31.12
N PHE A 58 -3.92 -13.35 -31.09
CA PHE A 58 -4.51 -12.82 -32.31
C PHE A 58 -3.51 -11.97 -33.08
N GLU A 59 -2.77 -11.13 -32.36
CA GLU A 59 -1.77 -10.27 -32.99
C GLU A 59 -0.60 -11.09 -33.51
N ASP A 60 -0.31 -12.20 -32.84
CA ASP A 60 0.74 -13.10 -33.29
C ASP A 60 0.42 -13.64 -34.67
N LEU A 61 -0.83 -14.00 -34.89
CA LEU A 61 -1.28 -14.48 -36.20
C LEU A 61 -1.17 -13.35 -37.23
N LEU A 62 -1.42 -12.12 -36.78
CA LEU A 62 -1.41 -10.96 -37.68
C LEU A 62 -0.02 -10.70 -38.26
N VAL A 63 1.01 -10.78 -37.43
CA VAL A 63 2.37 -10.51 -37.89
C VAL A 63 2.89 -11.66 -38.76
N ARG A 64 2.27 -12.82 -38.64
CA ARG A 64 2.66 -13.97 -39.44
C ARG A 64 2.04 -13.90 -40.83
N ILE A 65 0.79 -13.45 -40.90
CA ILE A 65 0.12 -13.28 -42.18
C ILE A 65 0.58 -11.99 -42.84
N LEU A 66 1.16 -11.08 -42.04
CA LEU A 66 1.73 -9.85 -42.57
C LEU A 66 3.06 -10.16 -43.26
N LEU A 67 3.88 -10.95 -42.58
CA LEU A 67 5.16 -11.39 -43.13
C LEU A 67 4.92 -12.27 -44.35
N LEU A 68 3.86 -13.06 -44.30
CA LEU A 68 3.47 -13.90 -45.42
C LEU A 68 3.08 -13.05 -46.62
N ALA A 69 2.25 -12.05 -46.39
CA ALA A 69 1.84 -11.13 -47.44
C ALA A 69 3.04 -10.36 -47.98
N ALA A 70 4.04 -10.16 -47.12
CA ALA A 70 5.29 -9.54 -47.54
C ALA A 70 6.12 -10.53 -48.34
N CYS A 71 6.09 -11.80 -47.94
CA CYS A 71 6.81 -12.86 -48.66
C CYS A 71 6.21 -13.09 -50.03
N ILE A 72 4.89 -12.98 -50.13
CA ILE A 72 4.19 -13.20 -51.39
C ILE A 72 4.58 -12.17 -52.45
N SER A 73 4.45 -10.89 -52.11
CA SER A 73 4.80 -9.82 -53.02
C SER A 73 6.30 -9.80 -53.31
N PHE A 74 7.07 -10.35 -52.38
CA PHE A 74 8.52 -10.46 -52.53
C PHE A 74 8.86 -11.43 -53.66
N VAL A 75 8.01 -12.43 -53.84
CA VAL A 75 8.15 -13.40 -54.92
C VAL A 75 7.64 -12.81 -56.23
N LEU A 76 6.52 -12.10 -56.14
CA LEU A 76 5.92 -11.45 -57.31
C LEU A 76 6.83 -10.37 -57.86
N ALA A 77 7.67 -9.79 -57.01
CA ALA A 77 8.59 -8.74 -57.41
C ALA A 77 9.64 -9.27 -58.38
N TRP A 78 9.93 -10.56 -58.28
CA TRP A 78 10.90 -11.20 -59.16
C TRP A 78 10.36 -11.29 -60.58
N PHE A 79 9.08 -11.63 -60.71
CA PHE A 79 8.45 -11.76 -62.02
C PHE A 79 8.20 -10.40 -62.67
N GLU A 80 8.35 -9.34 -61.88
CA GLU A 80 8.22 -7.98 -62.40
C GLU A 80 9.42 -7.67 -63.30
N GLU A 81 9.18 -7.64 -64.60
CA GLU A 81 10.24 -7.42 -65.57
C GLU A 81 10.79 -5.99 -65.50
N GLY A 82 10.06 -5.11 -64.83
CA GLY A 82 10.48 -3.73 -64.66
C GLY A 82 11.78 -3.59 -63.86
N GLU A 83 12.19 -2.35 -63.63
CA GLU A 83 13.43 -2.07 -62.91
C GLU A 83 13.43 -2.73 -61.53
N GLU A 84 14.45 -3.55 -61.28
CA GLU A 84 14.58 -4.25 -60.01
C GLU A 84 14.68 -3.27 -58.84
N THR A 85 13.56 -3.07 -58.16
CA THR A 85 13.48 -2.10 -57.08
C THR A 85 14.34 -2.49 -55.88
N ILE A 86 14.49 -1.56 -54.94
CA ILE A 86 15.33 -1.77 -53.77
C ILE A 86 14.52 -1.84 -52.48
N THR A 87 13.74 -0.81 -52.21
CA THR A 87 12.98 -0.71 -50.97
C THR A 87 11.97 -1.84 -50.81
N ALA A 88 11.28 -2.17 -51.89
CA ALA A 88 10.28 -3.24 -51.86
C ALA A 88 10.94 -4.61 -51.78
N PHE A 89 12.24 -4.66 -52.05
CA PHE A 89 13.01 -5.89 -51.99
C PHE A 89 13.43 -6.22 -50.56
N VAL A 90 13.60 -5.19 -49.74
CA VAL A 90 14.07 -5.37 -48.37
C VAL A 90 12.90 -5.36 -47.39
N GLU A 91 11.68 -5.26 -47.91
CA GLU A 91 10.48 -5.23 -47.07
C GLU A 91 10.33 -6.43 -46.12
N PRO A 92 10.50 -7.67 -46.64
CA PRO A 92 10.36 -8.79 -45.70
C PRO A 92 11.46 -8.80 -44.63
N PHE A 93 12.65 -8.34 -44.99
CA PHE A 93 13.76 -8.26 -44.04
C PHE A 93 13.47 -7.25 -42.94
N VAL A 94 13.09 -6.03 -43.34
CA VAL A 94 12.80 -4.96 -42.41
C VAL A 94 11.67 -5.35 -41.45
N ILE A 95 10.61 -5.92 -42.02
CA ILE A 95 9.46 -6.37 -41.22
C ILE A 95 9.89 -7.35 -40.13
N LEU A 96 10.63 -8.38 -40.53
CA LEU A 96 11.12 -9.37 -39.58
C LEU A 96 12.05 -8.72 -38.55
N LEU A 97 12.89 -7.81 -39.02
CA LEU A 97 13.82 -7.08 -38.15
C LEU A 97 13.06 -6.27 -37.10
N ILE A 98 11.97 -5.63 -37.53
CA ILE A 98 11.12 -4.86 -36.62
C ILE A 98 10.41 -5.81 -35.65
N LEU A 99 9.95 -6.94 -36.17
CA LEU A 99 9.27 -7.94 -35.34
C LEU A 99 10.22 -8.52 -34.30
N ILE A 100 11.49 -8.61 -34.65
CA ILE A 100 12.52 -9.05 -33.71
C ILE A 100 12.61 -8.07 -32.55
N ALA A 101 12.64 -6.78 -32.87
CA ALA A 101 12.70 -5.73 -31.86
C ALA A 101 11.48 -5.79 -30.95
N ASN A 102 10.31 -6.01 -31.54
CA ASN A 102 9.07 -6.14 -30.78
C ASN A 102 9.15 -7.29 -29.78
N ALA A 103 9.77 -8.39 -30.19
CA ALA A 103 9.96 -9.54 -29.32
C ALA A 103 10.91 -9.20 -28.18
N ILE A 104 11.95 -8.44 -28.48
CA ILE A 104 12.92 -8.03 -27.48
C ILE A 104 12.26 -7.17 -26.41
N VAL A 105 11.46 -6.19 -26.85
CA VAL A 105 10.74 -5.32 -25.93
C VAL A 105 9.73 -6.15 -25.12
N GLY A 106 9.09 -7.11 -25.77
CA GLY A 106 8.14 -7.99 -25.11
C GLY A 106 8.78 -8.82 -24.03
N VAL A 107 9.98 -9.34 -24.30
CA VAL A 107 10.71 -10.15 -23.33
C VAL A 107 11.09 -9.32 -22.11
N TRP A 108 11.56 -8.10 -22.36
CA TRP A 108 11.92 -7.17 -21.28
C TRP A 108 10.73 -6.90 -20.37
N GLN A 109 9.56 -6.72 -20.96
CA GLN A 109 8.34 -6.49 -20.19
C GLN A 109 7.99 -7.70 -19.34
N GLU A 110 8.08 -8.89 -19.93
CA GLU A 110 7.80 -10.12 -19.21
C GLU A 110 8.82 -10.37 -18.12
N ARG A 111 10.08 -10.05 -18.40
CA ARG A 111 11.15 -10.21 -17.43
C ARG A 111 10.97 -9.25 -16.26
N ASN A 112 10.43 -8.06 -16.54
CA ASN A 112 10.13 -7.11 -15.49
C ASN A 112 9.07 -7.64 -14.53
N ALA A 113 8.02 -8.22 -15.10
CA ALA A 113 6.91 -8.75 -14.31
C ALA A 113 7.35 -9.94 -13.46
N GLU A 114 8.10 -10.85 -14.07
CA GLU A 114 8.58 -12.04 -13.38
C GLU A 114 9.51 -11.69 -12.23
N ASN A 115 10.35 -10.67 -12.44
CA ASN A 115 11.26 -10.20 -11.40
C ASN A 115 10.50 -9.52 -10.26
N ALA A 116 9.50 -8.72 -10.62
CA ALA A 116 8.71 -7.99 -9.64
C ALA A 116 7.88 -8.95 -8.78
N ILE A 117 7.42 -10.03 -9.39
CA ILE A 117 6.68 -11.06 -8.66
C ILE A 117 7.60 -11.82 -7.71
N GLU A 118 8.81 -12.13 -8.20
CA GLU A 118 9.80 -12.84 -7.41
C GLU A 118 10.20 -12.04 -6.16
N ALA A 119 10.22 -10.72 -6.30
CA ALA A 119 10.62 -9.84 -5.20
C ALA A 119 9.61 -9.87 -4.05
N LEU A 120 8.40 -10.34 -4.33
CA LEU A 120 7.35 -10.41 -3.31
C LEU A 120 7.50 -11.62 -2.40
N LYS A 121 8.30 -12.58 -2.83
CA LYS A 121 8.51 -13.80 -2.05
C LYS A 121 9.29 -13.54 -0.76
N GLU A 122 10.07 -12.46 -0.76
CA GLU A 122 10.86 -12.09 0.41
C GLU A 122 9.97 -11.65 1.57
N TYR A 123 8.91 -10.91 1.23
CA TYR A 123 8.02 -10.35 2.24
C TYR A 123 6.90 -11.31 2.61
N GLU A 124 7.05 -12.57 2.19
CA GLU A 124 6.08 -13.61 2.54
C GLU A 124 6.09 -13.83 4.05
N PRO A 125 4.90 -13.81 4.67
CA PRO A 125 4.77 -13.97 6.12
C PRO A 125 5.29 -15.33 6.60
N GLU A 126 6.33 -15.30 7.43
CA GLU A 126 6.93 -16.53 7.96
C GLU A 126 6.07 -17.11 9.08
N MET A 127 5.02 -17.85 8.69
CA MET A 127 4.14 -18.48 9.65
C MET A 127 4.49 -19.95 9.84
N GLY A 128 5.54 -20.21 10.63
CA GLY A 128 5.98 -21.56 10.90
C GLY A 128 7.28 -21.60 11.67
N LYS A 129 7.27 -22.31 12.80
CA LYS A 129 8.46 -22.44 13.63
C LYS A 129 9.08 -23.82 13.47
N VAL A 130 10.40 -23.87 13.25
CA VAL A 130 11.09 -25.14 13.09
C VAL A 130 12.40 -25.21 13.86
N TYR A 131 12.88 -26.44 14.06
CA TYR A 131 14.19 -26.67 14.66
C TYR A 131 15.12 -27.32 13.64
N ARG A 132 16.24 -26.65 13.36
CA ARG A 132 17.22 -27.16 12.41
C ARG A 132 18.57 -27.36 13.10
N ALA A 133 19.49 -28.00 12.38
CA ALA A 133 20.82 -28.26 12.94
C ALA A 133 21.65 -26.98 13.02
N ASP A 134 21.19 -25.94 12.33
CA ASP A 134 21.86 -24.64 12.35
C ASP A 134 21.85 -23.74 13.57
N ARG A 135 20.70 -23.63 14.21
CA ARG A 135 20.55 -22.81 15.40
C ARG A 135 20.06 -23.83 16.42
N LYS A 136 20.44 -23.63 17.68
CA LYS A 136 19.97 -24.50 18.75
C LYS A 136 18.65 -23.97 19.30
N SER A 137 18.21 -22.85 18.74
CA SER A 137 16.91 -22.25 19.09
C SER A 137 15.93 -22.44 17.96
N VAL A 138 14.67 -22.05 18.19
CA VAL A 138 13.64 -22.19 17.16
C VAL A 138 13.89 -21.19 16.03
N GLN A 139 13.36 -21.48 14.85
CA GLN A 139 13.56 -20.64 13.68
C GLN A 139 12.25 -20.36 12.95
N ARG A 140 12.08 -19.12 12.50
CA ARG A 140 10.91 -18.73 11.72
C ARG A 140 11.16 -18.93 10.23
N ILE A 141 10.39 -19.82 9.61
CA ILE A 141 10.57 -20.17 8.20
C ILE A 141 9.22 -20.13 7.46
N LYS A 142 9.25 -19.73 6.19
CA LYS A 142 8.07 -19.74 5.34
C LYS A 142 7.39 -21.10 5.34
N ALA A 143 6.07 -21.11 5.17
CA ALA A 143 5.30 -22.35 5.21
C ALA A 143 5.65 -23.29 4.06
N ARG A 144 5.90 -22.71 2.88
CA ARG A 144 6.21 -23.49 1.70
C ARG A 144 7.65 -24.01 1.72
N ASP A 145 8.49 -23.40 2.56
CA ASP A 145 9.88 -23.81 2.68
C ASP A 145 10.03 -24.96 3.68
N ILE A 146 8.91 -25.43 4.22
CA ILE A 146 8.91 -26.52 5.18
C ILE A 146 8.93 -27.88 4.47
N VAL A 147 9.96 -28.67 4.77
CA VAL A 147 10.13 -29.98 4.16
C VAL A 147 9.78 -31.10 5.15
N PRO A 148 9.30 -32.25 4.64
CA PRO A 148 9.02 -33.37 5.53
C PRO A 148 10.27 -33.92 6.18
N GLY A 149 10.40 -33.73 7.49
CA GLY A 149 11.55 -34.23 8.22
C GLY A 149 11.99 -33.29 9.33
N ASP A 150 11.85 -31.99 9.12
CA ASP A 150 12.27 -31.01 10.11
C ASP A 150 11.31 -30.99 11.29
N ILE A 151 11.84 -30.60 12.45
CA ILE A 151 11.04 -30.57 13.68
C ILE A 151 10.29 -29.25 13.81
N VAL A 152 8.98 -29.33 13.89
CA VAL A 152 8.13 -28.13 13.92
C VAL A 152 7.48 -27.92 15.29
N GLU A 153 7.53 -26.69 15.79
CA GLU A 153 6.88 -26.33 17.04
C GLU A 153 5.66 -25.45 16.79
N VAL A 154 4.53 -25.83 17.38
CA VAL A 154 3.30 -25.06 17.23
C VAL A 154 2.74 -24.68 18.60
N ALA A 155 1.88 -23.67 18.62
CA ALA A 155 1.28 -23.21 19.87
C ALA A 155 -0.16 -22.73 19.65
N VAL A 156 -0.66 -21.95 20.61
CA VAL A 156 -2.04 -21.49 20.56
C VAL A 156 -2.25 -20.42 19.49
N GLY A 157 -3.38 -20.51 18.79
CA GLY A 157 -3.73 -19.52 17.79
C GLY A 157 -2.99 -19.71 16.48
N ASP A 158 -2.28 -20.81 16.36
CA ASP A 158 -1.49 -21.10 15.16
C ASP A 158 -2.26 -21.98 14.18
N LYS A 159 -2.05 -21.73 12.89
CA LYS A 159 -2.56 -22.60 11.84
C LYS A 159 -1.48 -23.61 11.47
N VAL A 160 -1.86 -24.88 11.41
CA VAL A 160 -0.92 -25.95 11.09
C VAL A 160 -0.40 -25.82 9.67
N PRO A 161 0.92 -25.62 9.51
CA PRO A 161 1.55 -25.41 8.21
C PRO A 161 1.48 -26.64 7.30
N ALA A 162 1.95 -27.78 7.80
CA ALA A 162 1.97 -29.02 7.01
C ALA A 162 1.43 -30.18 7.82
N ASP A 163 1.27 -31.33 7.18
CA ASP A 163 0.87 -32.54 7.89
C ASP A 163 1.98 -32.99 8.83
N ILE A 164 1.70 -32.98 10.13
CA ILE A 164 2.73 -33.23 11.12
C ILE A 164 2.37 -34.36 12.09
N ARG A 165 3.28 -35.31 12.24
CA ARG A 165 3.15 -36.35 13.24
C ARG A 165 3.63 -35.82 14.59
N ILE A 166 2.72 -35.76 15.55
CA ILE A 166 3.04 -35.21 16.87
C ILE A 166 4.07 -36.06 17.60
N LEU A 167 5.15 -35.42 18.02
CA LEU A 167 6.23 -36.12 18.73
C LEU A 167 6.09 -35.97 20.24
N SER A 168 5.79 -34.75 20.68
CA SER A 168 5.68 -34.48 22.11
C SER A 168 4.80 -33.27 22.38
N ILE A 169 3.94 -33.38 23.39
CA ILE A 169 3.08 -32.28 23.78
C ILE A 169 3.64 -31.60 25.04
N LYS A 170 4.10 -30.37 24.88
CA LYS A 170 4.73 -29.65 25.98
C LYS A 170 3.72 -29.16 27.00
N SER A 171 2.51 -28.84 26.54
CA SER A 171 1.45 -28.38 27.43
C SER A 171 0.72 -29.57 28.04
N THR A 172 -0.23 -29.30 28.92
CA THR A 172 -1.02 -30.34 29.55
C THR A 172 -1.89 -31.05 28.51
N THR A 173 -2.57 -30.27 27.68
CA THR A 173 -3.39 -30.81 26.61
C THR A 173 -3.18 -30.04 25.31
N LEU A 174 -3.58 -30.63 24.20
CA LEU A 174 -3.46 -30.00 22.90
C LEU A 174 -4.76 -30.11 22.12
N ARG A 175 -5.42 -28.96 21.91
CA ARG A 175 -6.68 -28.93 21.19
C ARG A 175 -6.50 -28.36 19.79
N VAL A 176 -7.12 -29.01 18.80
CA VAL A 176 -7.02 -28.58 17.41
C VAL A 176 -8.41 -28.42 16.80
N ASP A 177 -8.59 -27.40 15.97
CA ASP A 177 -9.85 -27.16 15.29
C ASP A 177 -9.84 -27.75 13.88
N GLN A 178 -10.51 -28.89 13.71
CA GLN A 178 -10.55 -29.57 12.42
C GLN A 178 -11.86 -29.35 11.69
N SER A 179 -12.44 -28.17 11.84
CA SER A 179 -13.71 -27.85 11.21
C SER A 179 -13.56 -27.70 9.70
N ILE A 180 -12.38 -27.30 9.27
CA ILE A 180 -12.10 -27.08 7.86
C ILE A 180 -12.00 -28.41 7.10
N LEU A 181 -11.89 -29.50 7.85
CA LEU A 181 -11.75 -30.82 7.24
C LEU A 181 -12.87 -31.76 7.66
N THR A 182 -12.79 -32.26 8.90
CA THR A 182 -13.77 -33.23 9.39
C THR A 182 -15.17 -32.65 9.48
N GLY A 183 -15.26 -31.37 9.84
CA GLY A 183 -16.54 -30.69 9.91
C GLY A 183 -17.11 -30.56 11.31
N GLU A 184 -16.34 -29.91 12.19
CA GLU A 184 -16.79 -29.66 13.55
C GLU A 184 -15.94 -28.57 14.21
N SER A 185 -16.59 -27.51 14.68
CA SER A 185 -15.89 -26.41 15.33
C SER A 185 -15.40 -26.82 16.71
N VAL A 186 -15.99 -27.88 17.25
CA VAL A 186 -15.57 -28.42 18.53
C VAL A 186 -14.14 -28.95 18.44
N SER A 187 -13.23 -28.30 19.16
CA SER A 187 -11.82 -28.65 19.12
C SER A 187 -11.58 -30.09 19.59
N VAL A 188 -10.70 -30.79 18.88
CA VAL A 188 -10.39 -32.17 19.23
C VAL A 188 -9.08 -32.27 20.00
N ILE A 189 -8.99 -33.25 20.89
CA ILE A 189 -7.80 -33.47 21.69
C ILE A 189 -6.86 -34.43 20.97
N LYS A 190 -5.56 -34.19 21.10
CA LYS A 190 -4.57 -34.99 20.40
C LYS A 190 -3.70 -35.82 21.34
N HIS A 191 -2.98 -36.79 20.78
CA HIS A 191 -2.03 -37.59 21.53
C HIS A 191 -0.83 -37.95 20.66
N THR A 192 0.10 -38.72 21.22
CA THR A 192 1.33 -39.06 20.51
C THR A 192 1.39 -40.53 20.14
N GLU A 193 0.48 -41.32 20.69
CA GLU A 193 0.41 -42.75 20.38
C GLU A 193 0.03 -42.98 18.91
N PRO A 194 0.56 -44.06 18.31
CA PRO A 194 0.27 -44.35 16.91
C PRO A 194 -1.16 -44.85 16.70
N VAL A 195 -1.73 -44.53 15.55
CA VAL A 195 -3.04 -45.06 15.16
C VAL A 195 -2.84 -46.31 14.31
N PRO A 196 -3.00 -47.49 14.92
CA PRO A 196 -2.64 -48.79 14.34
C PRO A 196 -3.29 -49.05 12.98
N ASP A 197 -4.54 -48.61 12.80
CA ASP A 197 -5.24 -48.84 11.55
C ASP A 197 -4.72 -47.93 10.45
N PRO A 198 -4.11 -48.50 9.40
CA PRO A 198 -3.56 -47.72 8.29
C PRO A 198 -4.67 -47.15 7.40
N ARG A 199 -5.83 -47.79 7.41
CA ARG A 199 -6.97 -47.34 6.62
C ARG A 199 -8.03 -46.72 7.51
N ALA A 200 -7.61 -45.78 8.36
CA ALA A 200 -8.53 -45.07 9.23
C ALA A 200 -8.80 -43.66 8.70
N VAL A 201 -9.99 -43.13 9.00
CA VAL A 201 -10.36 -41.79 8.55
C VAL A 201 -9.64 -40.74 9.38
N ASN A 202 -9.60 -39.52 8.88
CA ASN A 202 -8.91 -38.42 9.55
C ASN A 202 -9.54 -38.08 10.91
N GLN A 203 -10.78 -38.49 11.10
CA GLN A 203 -11.47 -38.28 12.37
C GLN A 203 -10.88 -39.18 13.46
N ASP A 204 -10.30 -40.30 13.05
CA ASP A 204 -9.71 -41.24 13.99
C ASP A 204 -8.20 -41.06 14.11
N LYS A 205 -7.64 -40.20 13.26
CA LYS A 205 -6.21 -39.90 13.31
C LYS A 205 -5.92 -38.80 14.31
N LYS A 206 -6.00 -39.14 15.60
CA LYS A 206 -5.86 -38.17 16.68
C LYS A 206 -4.41 -37.94 17.11
N ASN A 207 -3.46 -38.31 16.25
CA ASN A 207 -2.06 -38.09 16.54
C ASN A 207 -1.38 -37.28 15.44
N MET A 208 -2.19 -36.79 14.51
CA MET A 208 -1.70 -36.00 13.39
C MET A 208 -2.19 -34.56 13.47
N LEU A 209 -1.40 -33.65 12.91
CA LEU A 209 -1.81 -32.26 12.80
C LEU A 209 -2.01 -31.90 11.33
N PHE A 210 -3.25 -32.01 10.87
CA PHE A 210 -3.58 -31.74 9.47
C PHE A 210 -3.40 -30.26 9.15
N SER A 211 -2.73 -29.99 8.03
CA SER A 211 -2.48 -28.62 7.60
C SER A 211 -3.78 -27.88 7.33
N GLY A 212 -3.81 -26.60 7.66
CA GLY A 212 -5.00 -25.79 7.47
C GLY A 212 -5.86 -25.68 8.71
N THR A 213 -5.68 -26.62 9.63
CA THR A 213 -6.45 -26.64 10.86
C THR A 213 -5.89 -25.66 11.89
N ASN A 214 -6.72 -25.30 12.87
CA ASN A 214 -6.34 -24.32 13.87
C ASN A 214 -6.08 -24.96 15.23
N ILE A 215 -5.01 -24.54 15.90
CA ILE A 215 -4.70 -25.03 17.23
C ILE A 215 -5.45 -24.24 18.29
N ALA A 216 -6.48 -24.86 18.87
CA ALA A 216 -7.33 -24.19 19.85
C ALA A 216 -6.58 -23.88 21.14
N ALA A 217 -5.84 -24.86 21.64
CA ALA A 217 -5.11 -24.67 22.89
C ALA A 217 -3.90 -25.60 22.97
N GLY A 218 -2.89 -25.18 23.73
CA GLY A 218 -1.75 -26.03 24.01
C GLY A 218 -0.49 -25.69 23.24
N LYS A 219 0.53 -26.53 23.42
CA LYS A 219 1.80 -26.37 22.74
C LYS A 219 2.47 -27.72 22.55
N ALA A 220 2.70 -28.11 21.30
CA ALA A 220 3.25 -29.43 21.01
C ALA A 220 4.40 -29.40 20.01
N LEU A 221 5.16 -30.48 20.00
CA LEU A 221 6.29 -30.63 19.09
C LEU A 221 6.04 -31.84 18.18
N GLY A 222 6.43 -31.72 16.91
CA GLY A 222 6.19 -32.79 15.96
C GLY A 222 7.11 -32.81 14.77
N ILE A 223 6.93 -33.82 13.92
CA ILE A 223 7.74 -33.95 12.70
C ILE A 223 6.84 -33.99 11.47
N VAL A 224 7.26 -33.31 10.41
CA VAL A 224 6.45 -33.20 9.21
C VAL A 224 6.43 -34.51 8.41
N ALA A 225 5.23 -34.95 8.05
CA ALA A 225 5.06 -36.17 7.28
C ALA A 225 4.96 -35.88 5.79
N THR A 226 3.95 -35.10 5.41
CA THR A 226 3.71 -34.78 4.00
C THR A 226 3.46 -33.29 3.78
N THR A 227 3.97 -32.77 2.66
CA THR A 227 3.73 -31.38 2.29
C THR A 227 3.13 -31.29 0.89
N GLY A 228 2.73 -30.08 0.50
CA GLY A 228 2.20 -29.84 -0.83
C GLY A 228 0.87 -30.51 -1.11
N VAL A 229 0.77 -31.15 -2.28
CA VAL A 229 -0.46 -31.81 -2.70
C VAL A 229 -0.68 -33.11 -1.93
N SER A 230 0.38 -33.61 -1.32
CA SER A 230 0.31 -34.84 -0.53
C SER A 230 -0.50 -34.65 0.74
N THR A 231 -0.77 -33.38 1.07
CA THR A 231 -1.54 -33.02 2.25
C THR A 231 -2.95 -33.58 2.19
N GLU A 232 -3.48 -34.00 3.33
CA GLU A 232 -4.85 -34.51 3.43
C GLU A 232 -5.86 -33.47 2.97
N ILE A 233 -5.61 -32.21 3.32
CA ILE A 233 -6.47 -31.12 2.88
C ILE A 233 -6.00 -30.63 1.50
N GLY A 234 -4.77 -30.98 1.14
CA GLY A 234 -4.23 -30.65 -0.16
C GLY A 234 -4.89 -31.48 -1.24
N LYS A 235 -5.29 -32.70 -0.88
CA LYS A 235 -6.02 -33.57 -1.79
C LYS A 235 -7.47 -33.10 -1.92
N ILE A 236 -7.96 -32.43 -0.88
CA ILE A 236 -9.28 -31.83 -0.91
C ILE A 236 -9.24 -30.52 -1.69
N ARG A 237 -8.15 -29.78 -1.51
CA ARG A 237 -7.95 -28.51 -2.22
C ARG A 237 -7.51 -28.79 -3.65
N ASP A 238 -7.22 -30.04 -3.95
CA ASP A 238 -6.82 -30.46 -5.30
C ASP A 238 -8.00 -30.39 -6.26
N GLN A 239 -9.20 -30.29 -5.70
CA GLN A 239 -10.42 -30.20 -6.50
C GLN A 239 -10.45 -28.92 -7.33
N MET A 240 -10.35 -27.77 -6.65
CA MET A 240 -10.36 -26.48 -7.32
C MET A 240 -8.93 -25.98 -7.56
N ALA A 241 -8.02 -26.92 -7.75
CA ALA A 241 -6.61 -26.59 -7.95
C ALA A 241 -6.38 -25.99 -9.34
N ALA A 242 -6.40 -26.85 -10.36
CA ALA A 242 -6.16 -26.41 -11.73
C ALA A 242 -7.46 -26.18 -12.48
N THR A 243 -8.59 -26.41 -11.80
CA THR A 243 -9.90 -26.23 -12.41
C THR A 243 -10.79 -25.32 -11.57
N GLU A 244 -10.95 -24.07 -12.02
CA GLU A 244 -11.81 -23.12 -11.32
C GLU A 244 -12.39 -22.10 -12.29
N GLN A 245 -13.29 -21.26 -11.78
CA GLN A 245 -13.89 -20.20 -12.60
C GLN A 245 -14.39 -19.06 -11.71
N ASP A 246 -13.48 -18.17 -11.33
CA ASP A 246 -13.82 -17.01 -10.51
C ASP A 246 -12.87 -15.86 -10.78
N LYS A 247 -13.20 -15.04 -11.77
CA LYS A 247 -12.39 -13.89 -12.11
C LYS A 247 -12.83 -12.66 -11.32
N THR A 248 -11.86 -11.79 -11.02
CA THR A 248 -12.12 -10.55 -10.29
C THR A 248 -12.91 -9.59 -11.16
N PRO A 249 -13.68 -8.68 -10.53
CA PRO A 249 -14.47 -7.67 -11.26
C PRO A 249 -13.67 -6.92 -12.33
N LEU A 250 -12.43 -6.56 -12.00
CA LEU A 250 -11.59 -5.82 -12.94
C LEU A 250 -11.15 -6.72 -14.11
N GLN A 251 -10.84 -7.98 -13.79
CA GLN A 251 -10.47 -8.94 -14.83
C GLN A 251 -11.61 -9.15 -15.82
N GLN A 252 -12.84 -9.12 -15.32
CA GLN A 252 -14.02 -9.26 -16.16
C GLN A 252 -14.16 -8.06 -17.08
N LYS A 253 -13.89 -6.88 -16.55
CA LYS A 253 -13.97 -5.65 -17.34
C LYS A 253 -12.89 -5.63 -18.41
N LEU A 254 -11.69 -6.07 -18.06
CA LEU A 254 -10.57 -6.09 -18.99
C LEU A 254 -10.79 -7.09 -20.12
N ASP A 255 -11.29 -8.27 -19.77
CA ASP A 255 -11.60 -9.29 -20.77
C ASP A 255 -12.74 -8.82 -21.68
N GLU A 256 -13.73 -8.17 -21.08
CA GLU A 256 -14.83 -7.58 -21.84
C GLU A 256 -14.30 -6.48 -22.74
N PHE A 257 -13.41 -5.65 -22.20
CA PHE A 257 -12.78 -4.56 -22.96
C PHE A 257 -11.88 -5.14 -24.05
N GLY A 258 -11.38 -6.35 -23.82
CA GLY A 258 -10.54 -7.02 -24.79
C GLY A 258 -11.30 -7.43 -26.04
N GLU A 259 -12.48 -8.02 -25.84
CA GLU A 259 -13.33 -8.43 -26.95
C GLU A 259 -13.77 -7.21 -27.76
N GLN A 260 -14.07 -6.12 -27.07
CA GLN A 260 -14.50 -4.88 -27.71
C GLN A 260 -13.43 -4.34 -28.65
N LEU A 261 -12.18 -4.37 -28.20
CA LEU A 261 -11.07 -3.91 -29.02
C LEU A 261 -10.85 -4.83 -30.21
N SER A 262 -10.92 -6.14 -29.97
CA SER A 262 -10.73 -7.12 -31.02
C SER A 262 -11.71 -6.93 -32.18
N LYS A 263 -12.97 -6.65 -31.83
CA LYS A 263 -14.00 -6.43 -32.85
C LYS A 263 -13.77 -5.12 -33.58
N VAL A 264 -13.54 -4.05 -32.83
CA VAL A 264 -13.36 -2.72 -33.40
C VAL A 264 -12.14 -2.67 -34.32
N ILE A 265 -11.01 -3.17 -33.85
CA ILE A 265 -9.77 -3.17 -34.63
C ILE A 265 -9.94 -3.98 -35.91
N SER A 266 -10.60 -5.13 -35.81
CA SER A 266 -10.81 -5.99 -36.97
C SER A 266 -11.68 -5.31 -38.03
N LEU A 267 -12.73 -4.64 -37.59
CA LEU A 267 -13.64 -3.95 -38.51
C LEU A 267 -12.96 -2.80 -39.23
N ILE A 268 -12.33 -1.91 -38.47
CA ILE A 268 -11.72 -0.71 -39.04
C ILE A 268 -10.59 -1.04 -40.00
N CYS A 269 -9.99 -2.22 -39.83
CA CYS A 269 -8.91 -2.64 -40.72
C CYS A 269 -9.48 -3.24 -42.00
N VAL A 270 -10.55 -4.00 -41.88
CA VAL A 270 -11.27 -4.49 -43.04
C VAL A 270 -11.84 -3.31 -43.81
N ALA A 271 -12.31 -2.30 -43.07
CA ALA A 271 -12.83 -1.07 -43.65
C ALA A 271 -11.77 -0.38 -44.51
N VAL A 272 -10.54 -0.34 -44.00
CA VAL A 272 -9.43 0.26 -44.74
C VAL A 272 -9.21 -0.48 -46.06
N TRP A 273 -9.30 -1.81 -46.00
CA TRP A 273 -9.11 -2.64 -47.18
C TRP A 273 -10.26 -2.51 -48.17
N LEU A 274 -11.43 -2.11 -47.67
CA LEU A 274 -12.62 -2.01 -48.50
C LEU A 274 -12.79 -0.64 -49.15
N ILE A 275 -12.39 0.41 -48.43
CA ILE A 275 -12.52 1.77 -48.97
C ILE A 275 -11.39 2.09 -49.94
N ASN A 276 -10.43 1.17 -50.06
CA ASN A 276 -9.31 1.37 -50.98
C ASN A 276 -9.29 0.34 -52.10
N ILE A 277 -10.44 -0.28 -52.36
CA ILE A 277 -10.55 -1.25 -53.44
C ILE A 277 -10.46 -0.56 -54.80
N GLY A 278 -10.78 0.73 -54.83
CA GLY A 278 -10.72 1.49 -56.06
C GLY A 278 -9.28 1.86 -56.42
N HIS A 279 -8.37 1.65 -55.48
CA HIS A 279 -6.97 1.96 -55.69
C HIS A 279 -6.16 0.69 -55.94
N PHE A 280 -6.86 -0.44 -56.08
CA PHE A 280 -6.21 -1.72 -56.32
C PHE A 280 -5.59 -1.77 -57.72
N ASN A 281 -6.12 -0.96 -58.63
CA ASN A 281 -5.66 -0.97 -60.02
C ASN A 281 -4.85 0.26 -60.38
N ASP A 282 -4.32 0.95 -59.37
CA ASP A 282 -3.49 2.13 -59.58
C ASP A 282 -2.18 1.76 -60.27
N PRO A 283 -1.64 2.68 -61.07
CA PRO A 283 -0.38 2.44 -61.80
C PRO A 283 0.82 2.26 -60.87
N VAL A 284 0.68 2.69 -59.62
CA VAL A 284 1.75 2.53 -58.64
C VAL A 284 1.79 1.08 -58.14
N HIS A 285 0.71 0.35 -58.40
CA HIS A 285 0.62 -1.06 -58.02
C HIS A 285 0.84 -1.96 -59.24
N GLY A 286 1.17 -1.35 -60.37
CA GLY A 286 1.44 -2.09 -61.59
C GLY A 286 0.19 -2.34 -62.41
N GLY A 287 -0.97 -1.99 -61.87
CA GLY A 287 -2.23 -2.19 -62.56
C GLY A 287 -2.85 -3.53 -62.27
N SER A 288 -2.15 -4.34 -61.46
CA SER A 288 -2.64 -5.66 -61.09
C SER A 288 -3.57 -5.59 -59.90
N TRP A 289 -4.75 -6.20 -60.02
CA TRP A 289 -5.73 -6.22 -58.95
C TRP A 289 -5.20 -6.96 -57.73
N ILE A 290 -4.46 -8.03 -57.98
CA ILE A 290 -3.90 -8.83 -56.91
C ILE A 290 -2.82 -8.07 -56.14
N ARG A 291 -1.86 -7.51 -56.86
CA ARG A 291 -0.77 -6.77 -56.26
C ARG A 291 -1.27 -5.53 -55.51
N GLY A 292 -2.40 -5.00 -55.96
CA GLY A 292 -3.01 -3.85 -55.30
C GLY A 292 -3.73 -4.24 -54.03
N ALA A 293 -4.39 -5.40 -54.06
CA ALA A 293 -5.12 -5.88 -52.90
C ALA A 293 -4.18 -6.37 -51.80
N ILE A 294 -3.05 -6.94 -52.21
CA ILE A 294 -2.05 -7.42 -51.27
C ILE A 294 -1.43 -6.27 -50.49
N TYR A 295 -1.13 -5.18 -51.19
CA TYR A 295 -0.51 -4.01 -50.57
C TYR A 295 -1.39 -3.40 -49.49
N TYR A 296 -2.66 -3.21 -49.80
CA TYR A 296 -3.60 -2.63 -48.85
C TYR A 296 -3.95 -3.63 -47.74
N PHE A 297 -3.72 -4.91 -48.01
CA PHE A 297 -3.84 -5.92 -46.98
C PHE A 297 -2.69 -5.76 -45.99
N LYS A 298 -1.51 -5.45 -46.51
CA LYS A 298 -0.33 -5.25 -45.69
C LYS A 298 -0.45 -3.99 -44.84
N ILE A 299 -1.23 -3.02 -45.32
CA ILE A 299 -1.46 -1.79 -44.58
C ILE A 299 -2.45 -2.01 -43.44
N ALA A 300 -3.56 -2.68 -43.76
CA ALA A 300 -4.61 -2.95 -42.78
C ALA A 300 -4.07 -3.74 -41.59
N VAL A 301 -3.34 -4.82 -41.88
CA VAL A 301 -2.78 -5.66 -40.83
C VAL A 301 -1.73 -4.90 -40.04
N ALA A 302 -0.91 -4.10 -40.73
CA ALA A 302 0.08 -3.27 -40.07
C ALA A 302 -0.60 -2.23 -39.19
N LEU A 303 -1.75 -1.74 -39.65
CA LEU A 303 -2.54 -0.79 -38.86
C LEU A 303 -3.09 -1.48 -37.62
N ALA A 304 -3.52 -2.72 -37.77
CA ALA A 304 -4.01 -3.52 -36.67
C ALA A 304 -2.93 -3.69 -35.60
N VAL A 305 -1.76 -4.13 -36.04
CA VAL A 305 -0.63 -4.34 -35.14
C VAL A 305 -0.27 -3.04 -34.41
N ALA A 306 -0.32 -1.94 -35.14
CA ALA A 306 0.00 -0.63 -34.57
C ALA A 306 -1.08 -0.17 -33.60
N ALA A 307 -2.33 -0.52 -33.89
CA ALA A 307 -3.47 -0.06 -33.10
C ALA A 307 -3.65 -0.90 -31.84
N ILE A 308 -3.37 -2.19 -31.93
CA ILE A 308 -3.52 -3.09 -30.78
C ILE A 308 -2.60 -2.69 -29.64
N PRO A 309 -3.18 -2.45 -28.45
CA PRO A 309 -2.45 -2.08 -27.25
C PRO A 309 -1.77 -3.28 -26.58
N GLU A 310 -0.52 -3.53 -26.93
CA GLU A 310 0.20 -4.68 -26.39
C GLU A 310 0.92 -4.35 -25.09
N GLY A 311 1.23 -5.37 -24.30
CA GLY A 311 1.97 -5.21 -23.07
C GLY A 311 1.13 -4.99 -21.83
N LEU A 312 -0.19 -4.90 -22.03
CA LEU A 312 -1.12 -4.63 -20.93
C LEU A 312 -1.05 -5.65 -19.77
N PRO A 313 -1.04 -6.96 -20.08
CA PRO A 313 -0.95 -7.91 -18.96
C PRO A 313 0.34 -7.77 -18.16
N ALA A 314 1.46 -7.62 -18.86
CA ALA A 314 2.76 -7.51 -18.20
C ALA A 314 2.87 -6.22 -17.38
N VAL A 315 2.34 -5.13 -17.93
CA VAL A 315 2.39 -3.84 -17.27
C VAL A 315 1.55 -3.83 -15.99
N ILE A 316 0.34 -4.36 -16.08
CA ILE A 316 -0.56 -4.46 -14.93
C ILE A 316 0.07 -5.31 -13.82
N THR A 317 0.59 -6.46 -14.20
CA THR A 317 1.23 -7.37 -13.24
C THR A 317 2.45 -6.70 -12.59
N THR A 318 3.18 -5.92 -13.38
CA THR A 318 4.35 -5.22 -12.89
C THR A 318 3.99 -4.17 -11.85
N CYS A 319 3.01 -3.33 -12.17
CA CYS A 319 2.51 -2.32 -11.23
C CYS A 319 1.98 -2.97 -9.96
N LEU A 320 1.26 -4.08 -10.13
CA LEU A 320 0.65 -4.78 -9.02
C LEU A 320 1.71 -5.33 -8.06
N ALA A 321 2.75 -5.92 -8.63
CA ALA A 321 3.81 -6.54 -7.83
C ALA A 321 4.70 -5.49 -7.15
N LEU A 322 5.08 -4.46 -7.91
CA LEU A 322 5.91 -3.39 -7.38
C LEU A 322 5.17 -2.60 -6.31
N GLY A 323 3.89 -2.35 -6.55
CA GLY A 323 3.06 -1.63 -5.61
C GLY A 323 2.86 -2.41 -4.33
N THR A 324 2.70 -3.72 -4.46
CA THR A 324 2.53 -4.60 -3.32
C THR A 324 3.80 -4.60 -2.46
N ARG A 325 4.95 -4.55 -3.14
CA ARG A 325 6.24 -4.49 -2.46
C ARG A 325 6.35 -3.23 -1.60
N ARG A 326 5.88 -2.12 -2.14
CA ARG A 326 5.89 -0.85 -1.42
C ARG A 326 4.96 -0.91 -0.21
N MET A 327 3.86 -1.66 -0.35
CA MET A 327 2.96 -1.89 0.78
C MET A 327 3.70 -2.64 1.87
N ALA A 328 4.32 -3.76 1.50
CA ALA A 328 5.09 -4.56 2.44
C ALA A 328 6.26 -3.76 3.01
N LYS A 329 6.79 -2.85 2.19
CA LYS A 329 7.84 -1.94 2.63
C LYS A 329 7.32 -1.01 3.72
N LYS A 330 6.03 -0.72 3.65
CA LYS A 330 5.38 0.10 4.66
C LYS A 330 4.57 -0.76 5.63
N ASN A 331 5.04 -1.99 5.84
CA ASN A 331 4.45 -2.93 6.80
C ASN A 331 3.01 -3.33 6.47
N ALA A 332 2.66 -3.29 5.19
CA ALA A 332 1.35 -3.75 4.74
C ALA A 332 1.50 -5.04 3.92
N ILE A 333 1.26 -6.16 4.57
CA ILE A 333 1.45 -7.46 3.93
C ILE A 333 0.15 -7.99 3.30
N VAL A 334 0.00 -7.74 2.01
CA VAL A 334 -1.17 -8.22 1.28
C VAL A 334 -0.89 -9.60 0.69
N ARG A 335 -1.61 -10.61 1.18
CA ARG A 335 -1.39 -11.99 0.76
C ARG A 335 -1.81 -12.23 -0.68
N SER A 336 -3.10 -12.06 -0.96
CA SER A 336 -3.63 -12.31 -2.30
C SER A 336 -3.68 -11.04 -3.15
N LEU A 337 -3.09 -11.11 -4.34
CA LEU A 337 -3.09 -10.00 -5.28
C LEU A 337 -4.49 -9.50 -5.70
N PRO A 338 -5.47 -10.42 -5.89
CA PRO A 338 -6.80 -9.92 -6.25
C PRO A 338 -7.44 -9.00 -5.20
N SER A 339 -6.89 -8.96 -3.99
CA SER A 339 -7.43 -8.13 -2.93
C SER A 339 -7.06 -6.66 -3.11
N VAL A 340 -6.05 -6.40 -3.94
CA VAL A 340 -5.53 -5.06 -4.12
C VAL A 340 -6.53 -4.10 -4.77
N GLU A 341 -7.19 -4.56 -5.83
CA GLU A 341 -8.20 -3.74 -6.50
C GLU A 341 -9.37 -3.47 -5.57
N THR A 342 -9.64 -4.42 -4.68
CA THR A 342 -10.68 -4.26 -3.67
C THR A 342 -10.20 -3.29 -2.60
N LEU A 343 -8.93 -3.44 -2.21
CA LEU A 343 -8.31 -2.59 -1.20
C LEU A 343 -8.33 -1.13 -1.62
N GLY A 344 -8.23 -0.89 -2.91
CA GLY A 344 -8.27 0.47 -3.45
C GLY A 344 -9.67 1.03 -3.51
N CYS A 345 -10.66 0.18 -3.30
CA CYS A 345 -12.06 0.60 -3.32
C CYS A 345 -12.63 0.72 -1.90
N THR A 346 -11.76 0.56 -0.91
CA THR A 346 -12.16 0.65 0.49
C THR A 346 -12.89 1.94 0.81
N SER A 347 -14.14 1.81 1.27
CA SER A 347 -14.97 2.98 1.55
C SER A 347 -15.16 3.18 3.05
N VAL A 348 -15.04 2.11 3.82
CA VAL A 348 -15.17 2.18 5.28
C VAL A 348 -14.08 1.36 5.96
N ILE A 349 -13.39 1.96 6.92
CA ILE A 349 -12.38 1.25 7.71
C ILE A 349 -12.82 1.13 9.16
N CYS A 350 -13.04 -0.10 9.62
CA CYS A 350 -13.40 -0.35 11.01
C CYS A 350 -12.18 -0.84 11.77
N SER A 351 -11.59 0.04 12.58
CA SER A 351 -10.34 -0.27 13.26
C SER A 351 -10.51 -0.41 14.77
N ASP A 352 -9.72 -1.29 15.36
CA ASP A 352 -9.63 -1.38 16.81
C ASP A 352 -8.78 -0.23 17.33
N LYS A 353 -8.97 0.14 18.58
CA LYS A 353 -8.25 1.28 19.16
C LYS A 353 -6.91 0.87 19.77
N THR A 354 -6.97 -0.02 20.77
CA THR A 354 -5.79 -0.43 21.51
C THR A 354 -4.73 -1.08 20.60
N GLY A 355 -3.57 -0.45 20.53
CA GLY A 355 -2.46 -0.97 19.76
C GLY A 355 -2.47 -0.56 18.30
N THR A 356 -3.65 -0.18 17.81
CA THR A 356 -3.80 0.16 16.39
C THR A 356 -4.02 1.64 16.17
N LEU A 357 -5.01 2.21 16.84
CA LEU A 357 -5.27 3.64 16.77
C LEU A 357 -4.39 4.36 17.79
N THR A 358 -4.26 3.78 18.97
CA THR A 358 -3.40 4.33 20.01
C THR A 358 -2.24 3.38 20.29
N THR A 359 -1.22 3.88 20.99
CA THR A 359 -0.02 3.09 21.25
C THR A 359 -0.20 2.14 22.43
N ASN A 360 -1.30 2.32 23.17
CA ASN A 360 -1.57 1.57 24.39
C ASN A 360 -0.44 1.71 25.41
N GLN A 361 0.32 2.80 25.30
CA GLN A 361 1.39 3.09 26.23
C GLN A 361 1.21 4.49 26.79
N MET A 362 0.87 4.58 28.07
CA MET A 362 0.58 5.85 28.73
C MET A 362 1.76 6.80 28.64
N SER A 363 1.51 8.01 28.17
CA SER A 363 2.59 8.97 27.93
C SER A 363 2.23 10.37 28.44
N VAL A 364 3.13 10.95 29.22
CA VAL A 364 2.99 12.33 29.66
C VAL A 364 3.37 13.27 28.54
N CYS A 365 2.40 14.05 28.06
CA CYS A 365 2.64 14.93 26.92
C CYS A 365 2.60 16.40 27.30
N LYS A 366 2.06 16.70 28.48
CA LYS A 366 1.99 18.08 28.96
C LYS A 366 2.31 18.18 30.45
N MET A 367 2.99 19.26 30.82
CA MET A 367 3.29 19.54 32.22
C MET A 367 3.56 21.02 32.42
N PHE A 368 3.16 21.56 33.57
CA PHE A 368 3.45 22.96 33.87
C PHE A 368 3.86 23.15 35.32
N ILE A 369 4.74 24.12 35.54
CA ILE A 369 5.13 24.54 36.88
C ILE A 369 4.83 26.02 37.05
N ILE A 370 5.05 26.54 38.27
CA ILE A 370 4.82 27.95 38.53
C ILE A 370 6.00 28.79 38.04
N ASP A 371 5.71 29.75 37.17
CA ASP A 371 6.75 30.62 36.62
C ASP A 371 7.09 31.73 37.60
N LYS A 372 6.15 32.65 37.79
CA LYS A 372 6.34 33.78 38.70
C LYS A 372 5.08 34.07 39.49
N VAL A 373 5.24 34.55 40.72
CA VAL A 373 4.12 34.95 41.55
C VAL A 373 4.28 36.39 42.01
N ASP A 374 3.31 37.24 41.67
CA ASP A 374 3.37 38.65 42.04
C ASP A 374 1.98 39.21 42.30
N GLY A 375 1.81 39.84 43.46
CA GLY A 375 0.55 40.45 43.83
C GLY A 375 -0.56 39.43 43.95
N ASP A 376 -0.26 38.29 44.56
CA ASP A 376 -1.22 37.21 44.78
C ASP A 376 -1.75 36.63 43.47
N PHE A 377 -0.99 36.80 42.39
CA PHE A 377 -1.31 36.21 41.10
C PHE A 377 -0.09 35.50 40.53
N CYS A 378 -0.31 34.49 39.69
CA CYS A 378 0.79 33.69 39.19
C CYS A 378 0.74 33.45 37.68
N SER A 379 1.92 33.29 37.10
CA SER A 379 2.06 32.87 35.70
C SER A 379 2.66 31.46 35.67
N LEU A 380 2.41 30.74 34.58
CA LEU A 380 2.83 29.33 34.52
C LEU A 380 3.86 29.07 33.43
N ASN A 381 4.67 28.03 33.64
CA ASN A 381 5.58 27.55 32.61
C ASN A 381 5.08 26.22 32.05
N GLU A 382 4.32 26.28 30.96
CA GLU A 382 3.74 25.09 30.35
C GLU A 382 4.72 24.43 29.40
N PHE A 383 4.91 23.12 29.56
CA PHE A 383 5.82 22.36 28.72
C PHE A 383 5.09 21.24 27.99
N SER A 384 5.62 20.86 26.84
CA SER A 384 5.07 19.74 26.09
C SER A 384 6.16 18.69 25.85
N ILE A 385 5.80 17.42 25.97
CA ILE A 385 6.77 16.35 25.83
C ILE A 385 6.44 15.45 24.63
N THR A 386 7.44 15.20 23.79
CA THR A 386 7.25 14.36 22.61
C THR A 386 7.52 12.89 22.95
N GLY A 387 7.18 12.01 22.00
CA GLY A 387 7.31 10.58 22.22
C GLY A 387 5.97 10.01 22.68
N SER A 388 5.60 8.85 22.14
CA SER A 388 4.30 8.26 22.44
C SER A 388 4.39 6.81 22.92
N THR A 389 5.58 6.42 23.37
CA THR A 389 5.78 5.06 23.89
C THR A 389 6.52 5.08 25.22
N TYR A 390 6.73 3.89 25.79
CA TYR A 390 7.44 3.77 27.06
C TYR A 390 8.94 3.95 26.88
N ALA A 391 9.39 3.99 25.63
CA ALA A 391 10.80 4.22 25.32
C ALA A 391 11.22 5.61 25.75
N PRO A 392 12.42 5.74 26.32
CA PRO A 392 12.96 7.04 26.75
C PRO A 392 13.41 7.88 25.55
N GLU A 393 12.53 8.02 24.57
CA GLU A 393 12.85 8.77 23.36
C GLU A 393 11.87 9.91 23.17
N GLY A 394 12.35 11.14 23.30
CA GLY A 394 11.52 12.32 23.15
C GLY A 394 12.18 13.58 23.64
N GLU A 395 11.53 14.73 23.43
CA GLU A 395 12.07 16.00 23.85
C GLU A 395 11.08 16.79 24.71
N VAL A 396 11.61 17.68 25.53
CA VAL A 396 10.79 18.60 26.31
C VAL A 396 10.74 19.95 25.62
N LEU A 397 9.55 20.43 25.31
CA LEU A 397 9.40 21.66 24.53
C LEU A 397 8.73 22.78 25.33
N LYS A 398 9.19 24.00 25.09
CA LYS A 398 8.48 25.20 25.57
C LYS A 398 8.25 26.11 24.37
N ASN A 399 6.97 26.36 24.08
CA ASN A 399 6.57 27.11 22.88
C ASN A 399 7.11 26.45 21.61
N ASP A 400 6.90 25.14 21.50
CA ASP A 400 7.32 24.34 20.35
C ASP A 400 8.82 24.39 20.08
N LYS A 401 9.58 24.83 21.07
CA LYS A 401 11.04 24.88 20.96
C LYS A 401 11.69 24.05 22.07
N PRO A 402 12.63 23.18 21.68
CA PRO A 402 13.31 22.28 22.64
C PRO A 402 14.07 23.04 23.73
N ILE A 403 13.94 22.56 24.96
CA ILE A 403 14.63 23.17 26.10
C ILE A 403 15.27 22.09 26.96
N ARG A 404 16.12 22.51 27.89
CA ARG A 404 16.71 21.58 28.86
C ARG A 404 15.99 21.74 30.20
N SER A 405 15.57 20.61 30.77
CA SER A 405 14.79 20.61 31.99
C SER A 405 15.59 21.15 33.18
N GLY A 406 16.92 21.01 33.11
CA GLY A 406 17.79 21.49 34.16
C GLY A 406 17.78 23.00 34.29
N GLN A 407 17.30 23.67 33.25
CA GLN A 407 17.23 25.14 33.25
C GLN A 407 16.11 25.64 34.16
N PHE A 408 15.26 24.72 34.61
CA PHE A 408 14.16 25.07 35.50
C PHE A 408 14.23 24.28 36.79
N ASP A 409 14.47 24.98 37.89
CA ASP A 409 14.60 24.36 39.20
C ASP A 409 13.32 23.62 39.60
N GLY A 410 12.19 24.14 39.17
CA GLY A 410 10.91 23.51 39.45
C GLY A 410 10.78 22.18 38.75
N LEU A 411 11.32 22.10 37.53
CA LEU A 411 11.29 20.87 36.76
C LEU A 411 12.20 19.81 37.36
N VAL A 412 13.24 20.26 38.06
CA VAL A 412 14.16 19.34 38.72
C VAL A 412 13.43 18.59 39.84
N GLU A 413 12.63 19.31 40.61
CA GLU A 413 11.85 18.71 41.67
C GLU A 413 10.69 17.88 41.12
N LEU A 414 10.14 18.30 39.99
CA LEU A 414 9.03 17.59 39.37
C LEU A 414 9.47 16.18 38.98
N ALA A 415 10.65 16.08 38.38
CA ALA A 415 11.22 14.80 38.00
C ALA A 415 11.55 13.97 39.24
N THR A 416 11.98 14.66 40.29
CA THR A 416 12.31 14.01 41.56
C THR A 416 11.09 13.29 42.13
N ILE A 417 9.95 13.97 42.10
CA ILE A 417 8.70 13.38 42.61
C ILE A 417 8.27 12.19 41.75
N CYS A 418 8.34 12.36 40.44
CA CYS A 418 7.91 11.32 39.51
C CYS A 418 8.77 10.06 39.60
N ALA A 419 10.02 10.23 40.00
CA ALA A 419 10.95 9.11 40.07
C ALA A 419 10.93 8.42 41.44
N LEU A 420 10.47 9.14 42.46
CA LEU A 420 10.47 8.62 43.82
C LEU A 420 9.09 8.17 44.26
N CYS A 421 8.07 8.96 43.94
CA CYS A 421 6.70 8.56 44.23
C CYS A 421 6.22 7.61 43.15
N ASN A 422 6.88 6.45 43.07
CA ASN A 422 6.66 5.53 41.97
C ASN A 422 7.13 4.12 42.34
N ASP A 423 6.25 3.14 42.16
CA ASP A 423 6.58 1.75 42.47
C ASP A 423 6.93 0.97 41.21
N SER A 424 6.73 1.60 40.05
CA SER A 424 7.00 0.95 38.79
C SER A 424 8.41 1.26 38.28
N SER A 425 8.78 0.63 37.17
CA SER A 425 10.08 0.86 36.55
C SER A 425 9.99 0.60 35.05
N LEU A 426 11.14 0.64 34.38
CA LEU A 426 11.19 0.46 32.94
C LEU A 426 12.19 -0.64 32.57
N ASP A 427 11.81 -1.48 31.61
CA ASP A 427 12.65 -2.58 31.19
C ASP A 427 12.73 -2.68 29.67
N PHE A 428 13.90 -3.05 29.16
CA PHE A 428 14.08 -3.23 27.73
C PHE A 428 14.13 -4.72 27.39
N ASN A 429 13.14 -5.16 26.60
CA ASN A 429 13.09 -6.55 26.15
C ASN A 429 14.02 -6.76 24.96
N GLU A 430 15.19 -7.37 25.23
CA GLU A 430 16.19 -7.60 24.19
C GLU A 430 15.68 -8.52 23.09
N THR A 431 14.79 -9.44 23.46
CA THR A 431 14.19 -10.38 22.52
C THR A 431 13.32 -9.65 21.49
N LYS A 432 12.35 -8.89 21.99
CA LYS A 432 11.41 -8.17 21.14
C LYS A 432 11.99 -6.84 20.67
N GLY A 433 13.11 -6.44 21.25
CA GLY A 433 13.78 -5.20 20.88
C GLY A 433 12.94 -3.97 21.14
N VAL A 434 12.25 -3.96 22.28
CA VAL A 434 11.35 -2.87 22.62
C VAL A 434 11.25 -2.70 24.14
N TYR A 435 11.17 -1.44 24.58
CA TYR A 435 10.98 -1.14 26.00
C TYR A 435 9.60 -1.58 26.47
N GLU A 436 9.54 -2.17 27.66
CA GLU A 436 8.28 -2.59 28.24
C GLU A 436 8.13 -2.08 29.67
N LYS A 437 6.89 -1.85 30.09
CA LYS A 437 6.63 -1.31 31.42
C LYS A 437 6.72 -2.39 32.50
N VAL A 438 7.08 -1.98 33.70
CA VAL A 438 7.12 -2.89 34.84
C VAL A 438 6.26 -2.33 35.97
N GLY A 439 4.96 -2.56 35.87
CA GLY A 439 4.01 -2.06 36.85
C GLY A 439 2.86 -1.32 36.20
N GLU A 440 2.25 -0.41 36.95
CA GLU A 440 1.10 0.35 36.45
C GLU A 440 1.51 1.26 35.30
N ALA A 441 0.61 1.41 34.33
CA ALA A 441 0.88 2.21 33.14
C ALA A 441 1.02 3.69 33.48
N THR A 442 0.16 4.18 34.37
CA THR A 442 0.16 5.58 34.77
C THR A 442 1.41 5.94 35.55
N GLU A 443 2.06 4.94 36.13
CA GLU A 443 3.30 5.17 36.86
C GLU A 443 4.51 5.10 35.94
N THR A 444 4.47 4.20 34.97
CA THR A 444 5.57 4.05 34.03
C THR A 444 5.67 5.29 33.13
N ALA A 445 4.54 5.96 32.94
CA ALA A 445 4.51 7.21 32.19
C ALA A 445 5.37 8.26 32.89
N LEU A 446 5.40 8.23 34.21
CA LEU A 446 6.23 9.12 34.99
C LEU A 446 7.70 8.72 34.88
N THR A 447 7.94 7.41 34.91
CA THR A 447 9.29 6.87 34.77
C THR A 447 9.90 7.27 33.43
N THR A 448 9.13 7.10 32.36
CA THR A 448 9.59 7.45 31.01
C THR A 448 9.81 8.96 30.89
N LEU A 449 8.96 9.73 31.57
CA LEU A 449 9.08 11.18 31.56
C LEU A 449 10.41 11.64 32.15
N VAL A 450 10.77 11.07 33.30
CA VAL A 450 12.01 11.41 33.97
C VAL A 450 13.23 11.16 33.08
N GLU A 451 13.21 10.04 32.36
CA GLU A 451 14.29 9.70 31.45
C GLU A 451 14.37 10.69 30.29
N LYS A 452 13.21 11.11 29.81
CA LYS A 452 13.15 12.09 28.73
C LYS A 452 13.65 13.46 29.19
N MET A 453 13.29 13.81 30.43
CA MET A 453 13.68 15.11 30.99
C MET A 453 15.18 15.19 31.24
N ASN A 454 15.70 14.24 32.02
CA ASN A 454 17.12 14.20 32.37
C ASN A 454 17.61 15.53 32.93
N VAL A 455 17.14 15.85 34.14
CA VAL A 455 17.38 17.16 34.73
C VAL A 455 18.83 17.39 35.16
N PHE A 456 19.60 16.32 35.29
CA PHE A 456 20.99 16.43 35.72
C PHE A 456 21.96 16.23 34.57
N ASN A 457 21.42 16.16 33.35
CA ASN A 457 22.21 16.03 32.14
C ASN A 457 23.20 14.86 32.17
N THR A 458 22.72 13.71 32.63
CA THR A 458 23.55 12.51 32.67
C THR A 458 23.86 12.01 31.25
N GLU A 459 25.13 11.71 31.00
CA GLU A 459 25.54 11.17 29.71
C GLU A 459 24.90 9.81 29.48
N VAL A 460 24.02 9.74 28.48
CA VAL A 460 23.26 8.53 28.20
C VAL A 460 23.35 8.13 26.72
N ARG A 461 23.98 8.97 25.93
CA ARG A 461 24.10 8.74 24.49
C ARG A 461 24.90 7.49 24.19
N ASN A 462 25.93 7.24 24.99
CA ASN A 462 26.80 6.09 24.80
C ASN A 462 26.44 4.95 25.74
N LEU A 463 25.15 4.84 26.07
CA LEU A 463 24.67 3.77 26.93
C LEU A 463 23.87 2.74 26.12
N SER A 464 23.82 1.51 26.62
CA SER A 464 23.04 0.47 25.98
C SER A 464 21.56 0.66 26.25
N LYS A 465 20.72 -0.05 25.50
CA LYS A 465 19.27 0.04 25.68
C LYS A 465 18.86 -0.43 27.07
N VAL A 466 19.54 -1.46 27.56
CA VAL A 466 19.23 -2.02 28.88
C VAL A 466 19.58 -1.04 29.98
N GLU A 467 20.73 -0.38 29.84
CA GLU A 467 21.19 0.59 30.83
C GLU A 467 20.40 1.89 30.76
N ARG A 468 19.95 2.24 29.57
CA ARG A 468 19.24 3.50 29.32
C ARG A 468 17.84 3.49 29.94
N ALA A 469 17.27 2.30 30.09
CA ALA A 469 15.89 2.15 30.56
C ALA A 469 15.60 2.88 31.87
N ASN A 470 16.49 2.72 32.85
CA ASN A 470 16.32 3.35 34.14
C ASN A 470 17.54 4.18 34.55
N ALA A 471 18.08 4.94 33.61
CA ALA A 471 19.28 5.72 33.86
C ALA A 471 19.02 6.90 34.78
N CYS A 472 18.25 7.87 34.30
CA CYS A 472 17.99 9.09 35.05
C CYS A 472 17.23 8.85 36.35
N ASN A 473 16.36 7.84 36.35
CA ASN A 473 15.60 7.49 37.55
C ASN A 473 16.52 7.00 38.66
N SER A 474 17.57 6.27 38.30
CA SER A 474 18.51 5.75 39.28
C SER A 474 19.39 6.86 39.84
N VAL A 475 19.69 7.86 39.01
CA VAL A 475 20.47 9.01 39.42
C VAL A 475 19.79 9.73 40.58
N ILE A 476 18.47 9.90 40.47
CA ILE A 476 17.69 10.55 41.51
C ILE A 476 17.62 9.70 42.77
N ARG A 477 17.47 8.38 42.59
CA ARG A 477 17.36 7.47 43.71
C ARG A 477 18.67 7.35 44.49
N GLN A 478 19.78 7.76 43.87
CA GLN A 478 21.07 7.75 44.53
C GLN A 478 21.29 9.03 45.34
N LEU A 479 20.37 9.98 45.18
CA LEU A 479 20.44 11.24 45.91
C LEU A 479 19.45 11.25 47.07
N MET A 480 18.32 10.58 46.88
CA MET A 480 17.30 10.49 47.91
C MET A 480 16.96 9.03 48.22
N LYS A 481 16.99 8.68 49.50
CA LYS A 481 16.66 7.32 49.92
C LYS A 481 15.19 7.23 50.36
N LYS A 482 14.43 6.36 49.69
CA LYS A 482 13.02 6.17 50.03
C LYS A 482 12.88 5.32 51.28
N GLU A 483 12.43 5.93 52.36
CA GLU A 483 12.25 5.21 53.63
C GLU A 483 11.08 4.24 53.55
N PHE A 484 9.89 4.77 53.31
CA PHE A 484 8.70 3.95 53.17
C PHE A 484 7.68 4.61 52.25
N THR A 485 6.58 3.93 51.98
CA THR A 485 5.59 4.42 51.04
C THR A 485 4.18 4.40 51.63
N LEU A 486 3.54 5.57 51.68
CA LEU A 486 2.14 5.65 52.07
C LEU A 486 1.26 5.26 50.89
N GLU A 487 0.62 4.09 50.99
CA GLU A 487 -0.17 3.54 49.90
C GLU A 487 -1.32 4.45 49.47
N PHE A 488 -1.79 4.24 48.25
CA PHE A 488 -2.90 5.01 47.69
C PHE A 488 -4.18 4.75 48.48
N SER A 489 -4.94 5.82 48.71
CA SER A 489 -6.22 5.72 49.41
C SER A 489 -7.31 6.39 48.58
N ARG A 490 -8.47 5.74 48.48
CA ARG A 490 -9.53 6.21 47.61
C ARG A 490 -10.33 7.36 48.22
N ASP A 491 -10.12 7.62 49.51
CA ASP A 491 -10.81 8.71 50.18
C ASP A 491 -10.10 10.04 49.98
N ARG A 492 -8.82 9.98 49.59
CA ARG A 492 -8.03 11.17 49.34
C ARG A 492 -7.53 11.20 47.90
N LYS A 493 -7.58 10.06 47.23
CA LYS A 493 -7.19 9.93 45.83
C LYS A 493 -5.77 10.43 45.57
N SER A 494 -4.83 9.98 46.39
CA SER A 494 -3.43 10.36 46.24
C SER A 494 -2.51 9.39 46.96
N MET A 495 -1.20 9.54 46.74
CA MET A 495 -0.20 8.75 47.46
C MET A 495 1.06 9.58 47.67
N SER A 496 1.91 9.13 48.59
CA SER A 496 3.14 9.85 48.89
C SER A 496 4.25 8.93 49.36
N VAL A 497 5.48 9.43 49.35
CA VAL A 497 6.64 8.67 49.82
C VAL A 497 7.50 9.52 50.76
N TYR A 498 7.92 8.91 51.86
CA TYR A 498 8.80 9.58 52.82
C TYR A 498 10.25 9.29 52.45
N CYS A 499 11.00 10.35 52.15
CA CYS A 499 12.36 10.18 51.67
C CYS A 499 13.36 10.98 52.50
N SER A 500 14.64 10.68 52.30
CA SER A 500 15.71 11.36 53.01
C SER A 500 16.96 11.41 52.12
N PRO A 501 17.83 12.41 52.35
CA PRO A 501 19.08 12.50 51.59
C PRO A 501 19.92 11.23 51.70
N ALA A 502 20.41 10.73 50.57
CA ALA A 502 21.23 9.52 50.55
C ALA A 502 22.64 9.81 51.04
N LYS A 503 23.26 8.82 51.66
CA LYS A 503 24.61 8.94 52.23
C LYS A 503 24.69 10.11 53.20
N SER A 504 23.61 10.34 53.94
CA SER A 504 23.54 11.46 54.88
C SER A 504 23.65 11.00 56.32
N SER A 505 24.50 11.67 57.08
CA SER A 505 24.65 11.38 58.50
C SER A 505 23.61 12.14 59.30
N ARG A 506 23.01 13.15 58.67
CA ARG A 506 21.94 13.92 59.29
C ARG A 506 20.62 13.16 59.19
N ALA A 507 20.31 12.38 60.22
CA ALA A 507 19.14 11.50 60.20
C ALA A 507 17.82 12.27 60.23
N ALA A 508 17.81 13.40 60.93
CA ALA A 508 16.58 14.18 61.09
C ALA A 508 16.65 15.52 60.35
N VAL A 509 17.44 15.56 59.29
CA VAL A 509 17.63 16.78 58.52
C VAL A 509 17.56 16.53 57.01
N GLY A 510 16.60 17.17 56.35
CA GLY A 510 16.46 17.08 54.92
C GLY A 510 15.36 16.14 54.44
N ASN A 511 14.62 15.57 55.39
CA ASN A 511 13.54 14.64 55.06
C ASN A 511 12.38 15.33 54.35
N LYS A 512 11.86 14.69 53.31
CA LYS A 512 10.76 15.26 52.54
C LYS A 512 9.67 14.22 52.27
N MET A 513 8.49 14.70 51.89
CA MET A 513 7.41 13.83 51.46
C MET A 513 6.89 14.28 50.09
N PHE A 514 7.02 13.42 49.09
CA PHE A 514 6.59 13.75 47.74
C PHE A 514 5.22 13.14 47.45
N VAL A 515 4.25 14.01 47.14
CA VAL A 515 2.86 13.60 46.98
C VAL A 515 2.39 13.69 45.53
N LYS A 516 1.68 12.66 45.08
CA LYS A 516 1.02 12.68 43.78
C LYS A 516 -0.40 12.14 43.89
N GLY A 517 -1.29 12.60 43.01
CA GLY A 517 -2.67 12.16 43.03
C GLY A 517 -3.61 13.08 42.28
N ALA A 518 -4.90 12.92 42.53
CA ALA A 518 -5.92 13.75 41.89
C ALA A 518 -5.70 15.22 42.24
N PRO A 519 -5.76 16.10 41.23
CA PRO A 519 -5.47 17.54 41.35
C PRO A 519 -6.23 18.25 42.49
N GLU A 520 -7.56 18.13 42.51
CA GLU A 520 -8.37 18.86 43.48
C GLU A 520 -8.01 18.52 44.93
N GLY A 521 -7.90 17.23 45.22
CA GLY A 521 -7.59 16.79 46.57
C GLY A 521 -6.23 17.24 47.06
N VAL A 522 -5.22 17.12 46.19
CA VAL A 522 -3.85 17.49 46.54
C VAL A 522 -3.69 18.99 46.73
N ILE A 523 -4.20 19.76 45.76
CA ILE A 523 -4.09 21.22 45.80
C ILE A 523 -4.80 21.81 47.02
N ASP A 524 -5.91 21.18 47.42
CA ASP A 524 -6.64 21.61 48.61
C ASP A 524 -5.79 21.50 49.87
N ARG A 525 -4.82 20.58 49.84
CA ARG A 525 -3.95 20.37 50.99
C ARG A 525 -2.59 21.03 50.79
N CYS A 526 -2.56 22.06 49.96
CA CYS A 526 -1.33 22.82 49.70
C CYS A 526 -1.42 24.23 50.24
N ASN A 527 -0.61 24.54 51.24
CA ASN A 527 -0.58 25.88 51.82
C ASN A 527 0.51 26.75 51.22
N TYR A 528 1.36 26.15 50.40
CA TYR A 528 2.45 26.88 49.77
C TYR A 528 2.54 26.57 48.28
N VAL A 529 3.27 27.42 47.56
CA VAL A 529 3.48 27.25 46.12
C VAL A 529 4.96 27.44 45.80
N ARG A 530 5.56 26.44 45.17
CA ARG A 530 6.97 26.51 44.84
C ARG A 530 7.23 27.30 43.56
N VAL A 531 8.14 28.26 43.66
CA VAL A 531 8.61 29.02 42.50
C VAL A 531 10.12 28.85 42.37
N GLY A 532 10.53 27.91 41.52
CA GLY A 532 11.94 27.58 41.39
C GLY A 532 12.39 26.74 42.57
N THR A 533 13.21 27.32 43.44
CA THR A 533 13.64 26.64 44.64
C THR A 533 13.02 27.28 45.88
N THR A 534 12.37 28.42 45.68
CA THR A 534 11.72 29.14 46.76
C THR A 534 10.23 28.82 46.81
N ARG A 535 9.57 29.19 47.90
CA ARG A 535 8.13 28.96 48.02
C ARG A 535 7.40 30.21 48.49
N VAL A 536 6.13 30.32 48.10
CA VAL A 536 5.27 31.40 48.55
C VAL A 536 3.92 30.84 48.97
N PRO A 537 3.25 31.51 49.92
CA PRO A 537 1.94 31.07 50.41
C PRO A 537 0.91 30.92 49.28
N MET A 538 0.18 29.81 49.30
CA MET A 538 -0.89 29.56 48.34
C MET A 538 -1.99 30.61 48.49
N THR A 539 -2.31 31.30 47.40
CA THR A 539 -3.37 32.30 47.42
C THR A 539 -4.54 31.87 46.55
N GLY A 540 -5.66 32.56 46.71
CA GLY A 540 -6.87 32.28 45.95
C GLY A 540 -6.70 32.30 44.43
N PRO A 541 -6.35 33.48 43.88
CA PRO A 541 -6.16 33.61 42.42
C PRO A 541 -5.15 32.64 41.84
N VAL A 542 -4.13 32.28 42.63
CA VAL A 542 -3.14 31.30 42.18
C VAL A 542 -3.77 29.91 42.07
N LYS A 543 -4.46 29.50 43.13
CA LYS A 543 -5.14 28.21 43.16
C LYS A 543 -6.19 28.11 42.06
N GLU A 544 -6.87 29.22 41.79
CA GLU A 544 -7.89 29.28 40.76
C GLU A 544 -7.27 29.20 39.37
N LYS A 545 -6.10 29.80 39.23
CA LYS A 545 -5.37 29.79 37.97
C LYS A 545 -4.89 28.38 37.62
N ILE A 546 -4.36 27.68 38.62
CA ILE A 546 -3.87 26.32 38.42
C ILE A 546 -4.99 25.37 38.04
N LEU A 547 -6.07 25.40 38.81
CA LEU A 547 -7.22 24.53 38.57
C LEU A 547 -7.87 24.79 37.21
N SER A 548 -7.78 26.03 36.74
CA SER A 548 -8.36 26.39 35.45
C SER A 548 -7.65 25.69 34.31
N VAL A 549 -6.33 25.63 34.39
CA VAL A 549 -5.53 24.99 33.35
C VAL A 549 -5.72 23.48 33.39
N ILE A 550 -5.78 22.92 34.60
CA ILE A 550 -6.07 21.51 34.79
C ILE A 550 -7.45 21.19 34.21
N LYS A 551 -8.39 22.11 34.39
CA LYS A 551 -9.73 21.99 33.84
C LYS A 551 -9.67 21.94 32.32
N GLU A 552 -8.92 22.86 31.73
CA GLU A 552 -8.79 22.94 30.27
C GLU A 552 -8.16 21.67 29.68
N TRP A 553 -7.14 21.16 30.35
CA TRP A 553 -6.43 19.97 29.87
C TRP A 553 -7.32 18.73 29.89
N GLY A 554 -8.23 18.66 30.85
CA GLY A 554 -9.09 17.50 31.00
C GLY A 554 -10.43 17.64 30.30
N THR A 555 -10.73 18.85 29.83
CA THR A 555 -12.01 19.12 29.18
C THR A 555 -11.79 19.37 27.69
N GLY A 556 -10.59 19.79 27.34
CA GLY A 556 -10.25 20.10 25.95
C GLY A 556 -10.28 18.91 25.03
N ARG A 557 -9.79 19.12 23.81
CA ARG A 557 -9.79 18.08 22.78
C ARG A 557 -8.95 16.87 23.18
N ASP A 558 -7.85 17.13 23.87
CA ASP A 558 -6.93 16.07 24.28
C ASP A 558 -7.47 15.22 25.43
N THR A 559 -8.19 15.87 26.34
CA THR A 559 -8.76 15.22 27.52
C THR A 559 -7.68 14.45 28.29
N LEU A 560 -6.74 15.19 28.85
CA LEU A 560 -5.61 14.60 29.55
C LEU A 560 -5.96 14.17 30.97
N ARG A 561 -5.48 12.99 31.35
CA ARG A 561 -5.57 12.55 32.74
C ARG A 561 -4.48 13.25 33.55
N CYS A 562 -4.89 14.19 34.40
CA CYS A 562 -3.94 15.04 35.11
C CYS A 562 -3.59 14.52 36.51
N LEU A 563 -2.37 14.83 36.95
CA LEU A 563 -1.93 14.48 38.29
C LEU A 563 -1.24 15.68 38.94
N ALA A 564 -1.56 15.92 40.21
CA ALA A 564 -0.91 16.99 40.97
C ALA A 564 0.33 16.44 41.67
N LEU A 565 1.41 17.23 41.63
CA LEU A 565 2.66 16.84 42.28
C LEU A 565 3.02 17.84 43.37
N ALA A 566 3.03 17.37 44.62
CA ALA A 566 3.31 18.26 45.74
C ALA A 566 4.38 17.68 46.66
N THR A 567 5.00 18.56 47.45
CA THR A 567 6.05 18.17 48.38
C THR A 567 5.79 18.74 49.77
N ARG A 568 5.86 17.91 50.79
CA ARG A 568 5.81 18.39 52.16
C ARG A 568 7.22 18.72 52.64
N ASP A 569 7.52 20.01 52.72
CA ASP A 569 8.85 20.48 53.07
C ASP A 569 9.24 20.09 54.49
N THR A 570 8.26 20.10 55.39
CA THR A 570 8.50 19.70 56.77
C THR A 570 7.51 18.60 57.17
N PRO A 571 7.86 17.34 56.85
CA PRO A 571 7.02 16.18 57.18
C PRO A 571 7.07 15.83 58.67
N PRO A 572 6.04 15.14 59.17
CA PRO A 572 6.03 14.71 60.58
C PRO A 572 7.11 13.67 60.85
N LYS A 573 7.42 13.44 62.12
CA LYS A 573 8.42 12.44 62.49
C LYS A 573 7.90 11.04 62.20
N ARG A 574 8.78 10.15 61.76
CA ARG A 574 8.39 8.78 61.44
C ARG A 574 7.87 8.06 62.68
N GLU A 575 8.37 8.45 63.84
CA GLU A 575 7.96 7.88 65.11
C GLU A 575 6.59 8.39 65.54
N GLU A 576 6.00 9.26 64.71
CA GLU A 576 4.70 9.84 65.00
C GLU A 576 3.73 9.61 63.86
N MET A 577 3.97 8.57 63.06
CA MET A 577 3.13 8.27 61.91
C MET A 577 2.50 6.87 62.00
N VAL A 578 1.20 6.81 61.80
CA VAL A 578 0.47 5.54 61.77
C VAL A 578 0.58 4.89 60.39
N LEU A 579 1.17 3.70 60.34
CA LEU A 579 1.46 3.06 59.06
C LEU A 579 0.55 1.88 58.75
N ASP A 580 -0.42 1.62 59.62
CA ASP A 580 -1.36 0.52 59.41
C ASP A 580 -2.80 1.02 59.29
N ASP A 581 -2.95 2.32 59.06
CA ASP A 581 -4.27 2.91 58.88
C ASP A 581 -4.24 3.92 57.74
N SER A 582 -4.88 3.58 56.63
CA SER A 582 -4.87 4.42 55.44
C SER A 582 -5.66 5.71 55.62
N SER A 583 -6.54 5.73 56.62
CA SER A 583 -7.35 6.91 56.90
C SER A 583 -6.54 8.01 57.58
N ARG A 584 -5.37 7.64 58.08
CA ARG A 584 -4.49 8.59 58.76
C ARG A 584 -3.51 9.24 57.79
N PHE A 585 -3.49 8.74 56.55
CA PHE A 585 -2.50 9.19 55.57
C PHE A 585 -2.76 10.61 55.05
N MET A 586 -4.04 10.96 54.91
CA MET A 586 -4.40 12.27 54.39
C MET A 586 -3.90 13.38 55.30
N GLU A 587 -3.94 13.12 56.60
CA GLU A 587 -3.45 14.08 57.60
C GLU A 587 -1.95 14.32 57.42
N TYR A 588 -1.23 13.26 57.09
CA TYR A 588 0.22 13.35 56.88
C TYR A 588 0.55 14.08 55.59
N GLU A 589 -0.41 14.09 54.66
CA GLU A 589 -0.23 14.77 53.39
C GLU A 589 -0.92 16.13 53.39
N THR A 590 -0.72 16.89 54.47
CA THR A 590 -1.25 18.24 54.57
C THR A 590 -0.13 19.25 54.68
N ASP A 591 -0.48 20.54 54.58
CA ASP A 591 0.50 21.63 54.60
C ASP A 591 1.55 21.41 53.51
N LEU A 592 1.11 20.94 52.35
CA LEU A 592 2.01 20.62 51.26
C LEU A 592 2.40 21.85 50.47
N THR A 593 3.37 21.69 49.58
CA THR A 593 3.76 22.75 48.67
C THR A 593 3.57 22.30 47.23
N PHE A 594 2.74 23.02 46.49
CA PHE A 594 2.48 22.70 45.09
C PHE A 594 3.75 22.87 44.26
N VAL A 595 4.05 21.86 43.45
CA VAL A 595 5.23 21.91 42.59
C VAL A 595 4.82 22.05 41.12
N GLY A 596 4.02 21.09 40.64
CA GLY A 596 3.57 21.11 39.27
C GLY A 596 2.47 20.11 38.96
N VAL A 597 2.08 20.05 37.70
CA VAL A 597 1.04 19.14 37.26
C VAL A 597 1.45 18.45 35.96
N VAL A 598 1.28 17.14 35.89
CA VAL A 598 1.56 16.40 34.66
C VAL A 598 0.26 15.97 33.98
N GLY A 599 0.27 15.96 32.66
CA GLY A 599 -0.88 15.52 31.88
C GLY A 599 -0.51 14.39 30.95
N MET A 600 -1.21 13.27 31.08
CA MET A 600 -0.89 12.07 30.30
C MET A 600 -2.11 11.52 29.56
N LEU A 601 -1.86 10.69 28.56
CA LEU A 601 -2.93 10.06 27.80
C LEU A 601 -2.47 8.76 27.14
N ASP A 602 -3.38 8.13 26.41
CA ASP A 602 -3.03 7.03 25.53
C ASP A 602 -2.96 7.60 24.10
N PRO A 603 -1.75 8.00 23.68
CA PRO A 603 -1.54 8.77 22.45
C PRO A 603 -1.79 7.96 21.18
N PRO A 604 -2.28 8.63 20.13
CA PRO A 604 -2.48 7.98 18.83
C PRO A 604 -1.15 7.53 18.24
N ARG A 605 -1.17 6.45 17.45
CA ARG A 605 0.05 5.94 16.83
C ARG A 605 0.60 6.94 15.81
N LYS A 606 1.77 6.62 15.26
CA LYS A 606 2.42 7.51 14.30
C LYS A 606 1.58 7.72 13.05
N GLU A 607 1.38 8.99 12.69
CA GLU A 607 0.66 9.39 11.48
C GLU A 607 -0.79 8.95 11.47
N VAL A 608 -1.34 8.60 12.62
CA VAL A 608 -2.74 8.17 12.68
C VAL A 608 -3.68 9.36 12.50
N MET A 609 -3.42 10.44 13.24
CA MET A 609 -4.25 11.64 13.14
C MET A 609 -4.19 12.24 11.74
N GLY A 610 -3.05 12.06 11.08
CA GLY A 610 -2.91 12.50 9.70
C GLY A 610 -3.62 11.56 8.74
N SER A 611 -3.56 10.27 9.02
CA SER A 611 -4.19 9.25 8.18
C SER A 611 -5.71 9.34 8.27
N ILE A 612 -6.21 9.71 9.44
CA ILE A 612 -7.65 9.88 9.64
C ILE A 612 -8.17 11.01 8.76
N GLN A 613 -7.43 12.12 8.74
CA GLN A 613 -7.80 13.26 7.91
C GLN A 613 -7.69 12.91 6.43
N LEU A 614 -6.75 12.03 6.10
CA LEU A 614 -6.59 11.56 4.73
C LEU A 614 -7.82 10.77 4.29
N CYS A 615 -8.43 10.06 5.23
CA CYS A 615 -9.61 9.26 4.94
C CYS A 615 -10.80 10.15 4.62
N ARG A 616 -10.97 11.20 5.42
CA ARG A 616 -12.05 12.16 5.22
C ARG A 616 -11.91 12.87 3.87
N ASP A 617 -10.66 13.15 3.50
CA ASP A 617 -10.38 13.75 2.20
C ASP A 617 -10.67 12.75 1.08
N ALA A 618 -10.47 11.48 1.39
CA ALA A 618 -10.65 10.42 0.39
C ALA A 618 -12.06 9.85 0.41
N GLY A 619 -12.90 10.39 1.28
CA GLY A 619 -14.28 9.94 1.38
C GLY A 619 -14.38 8.54 1.97
N ILE A 620 -13.40 8.20 2.82
CA ILE A 620 -13.38 6.91 3.48
C ILE A 620 -13.79 7.04 4.94
N ARG A 621 -14.91 6.44 5.30
CA ARG A 621 -15.38 6.50 6.68
C ARG A 621 -14.50 5.69 7.61
N VAL A 622 -14.22 6.24 8.79
CA VAL A 622 -13.43 5.57 9.80
C VAL A 622 -14.26 5.27 11.04
N ILE A 623 -14.31 4.00 11.43
CA ILE A 623 -15.09 3.59 12.59
C ILE A 623 -14.20 2.95 13.65
N MET A 624 -14.23 3.51 14.87
CA MET A 624 -13.46 2.96 15.98
C MET A 624 -14.23 1.87 16.72
N ILE A 625 -13.56 0.76 16.98
CA ILE A 625 -14.12 -0.30 17.80
C ILE A 625 -13.22 -0.54 19.02
N THR A 626 -13.62 0.00 20.17
CA THR A 626 -12.81 -0.11 21.37
C THR A 626 -13.52 -0.89 22.46
N GLY A 627 -12.92 -0.91 23.65
CA GLY A 627 -13.49 -1.62 24.79
C GLY A 627 -13.68 -0.68 25.97
N ASP A 628 -13.59 0.62 25.70
CA ASP A 628 -13.79 1.63 26.74
C ASP A 628 -15.25 2.05 26.79
N ASN A 629 -15.61 2.83 27.80
CA ASN A 629 -16.98 3.34 27.90
C ASN A 629 -17.26 4.37 26.82
N LYS A 630 -18.54 4.64 26.59
CA LYS A 630 -18.95 5.56 25.53
C LYS A 630 -18.37 6.95 25.73
N GLY A 631 -18.43 7.44 26.97
CA GLY A 631 -17.95 8.78 27.30
C GLY A 631 -16.49 8.99 26.95
N THR A 632 -15.65 8.02 27.28
CA THR A 632 -14.23 8.11 27.01
C THR A 632 -13.92 7.84 25.53
N ALA A 633 -14.61 6.85 24.96
CA ALA A 633 -14.41 6.49 23.56
C ALA A 633 -14.66 7.68 22.64
N ILE A 634 -15.69 8.45 22.95
CA ILE A 634 -15.99 9.68 22.22
C ILE A 634 -14.85 10.68 22.39
N ALA A 635 -14.36 10.80 23.62
CA ALA A 635 -13.27 11.72 23.92
C ALA A 635 -12.00 11.33 23.17
N ILE A 636 -11.79 10.03 23.00
CA ILE A 636 -10.65 9.53 22.24
C ILE A 636 -10.82 9.85 20.76
N CYS A 637 -12.05 9.73 20.27
CA CYS A 637 -12.37 10.03 18.87
C CYS A 637 -12.17 11.50 18.57
N ARG A 638 -12.55 12.36 19.51
CA ARG A 638 -12.33 13.80 19.37
C ARG A 638 -10.83 14.09 19.39
N ARG A 639 -10.11 13.32 20.19
CA ARG A 639 -8.67 13.49 20.36
C ARG A 639 -7.89 13.18 19.10
N ILE A 640 -8.26 12.11 18.42
CA ILE A 640 -7.51 11.63 17.27
C ILE A 640 -8.02 12.22 15.95
N GLY A 641 -9.23 12.76 15.97
CA GLY A 641 -9.74 13.47 14.81
C GLY A 641 -10.93 12.84 14.12
N ILE A 642 -11.48 11.77 14.70
CA ILE A 642 -12.70 11.17 14.16
C ILE A 642 -13.87 12.13 14.33
N PHE A 643 -14.00 12.66 15.55
CA PHE A 643 -15.00 13.68 15.84
C PHE A 643 -14.33 15.03 15.99
N GLY A 644 -15.08 16.09 15.69
CA GLY A 644 -14.58 17.44 15.88
C GLY A 644 -14.51 17.77 17.35
N GLU A 645 -13.86 18.89 17.67
CA GLU A 645 -13.72 19.31 19.06
C GLU A 645 -15.10 19.61 19.66
N ASN A 646 -15.99 20.16 18.84
CA ASN A 646 -17.35 20.44 19.25
C ASN A 646 -18.38 19.95 18.25
N GLU A 647 -18.66 18.65 18.28
CA GLU A 647 -19.66 18.04 17.42
C GLU A 647 -20.61 17.15 18.20
N GLU A 648 -21.87 17.11 17.78
CA GLU A 648 -22.85 16.23 18.41
C GLU A 648 -22.56 14.78 18.06
N VAL A 649 -22.60 13.92 19.07
CA VAL A 649 -22.22 12.51 18.90
C VAL A 649 -23.24 11.56 19.49
N ALA A 650 -24.46 12.04 19.66
CA ALA A 650 -25.53 11.22 20.26
C ALA A 650 -26.06 10.19 19.27
N ASP A 651 -25.86 10.43 17.99
CA ASP A 651 -26.36 9.54 16.94
C ASP A 651 -25.24 8.86 16.17
N ARG A 652 -24.00 9.15 16.54
CA ARG A 652 -22.84 8.62 15.81
C ARG A 652 -21.95 7.78 16.72
N ALA A 653 -22.40 7.57 17.95
CA ALA A 653 -21.65 6.76 18.91
C ALA A 653 -22.59 5.81 19.65
N TYR A 654 -22.26 4.51 19.62
CA TYR A 654 -23.13 3.50 20.23
C TYR A 654 -22.33 2.46 21.00
N THR A 655 -22.91 1.96 22.08
CA THR A 655 -22.32 0.87 22.84
C THR A 655 -22.93 -0.46 22.42
N GLY A 656 -22.42 -1.55 22.96
CA GLY A 656 -22.98 -2.86 22.69
C GLY A 656 -24.39 -2.96 23.24
N ARG A 657 -24.59 -2.32 24.39
CA ARG A 657 -25.90 -2.27 25.03
C ARG A 657 -26.91 -1.48 24.18
N GLU A 658 -26.51 -0.29 23.75
CA GLU A 658 -27.39 0.57 22.96
C GLU A 658 -27.70 -0.02 21.60
N PHE A 659 -26.72 -0.68 20.98
CA PHE A 659 -26.89 -1.23 19.65
C PHE A 659 -27.83 -2.43 19.64
N ASP A 660 -27.85 -3.18 20.74
CA ASP A 660 -28.71 -4.35 20.84
C ASP A 660 -30.14 -3.97 21.18
N ASP A 661 -30.34 -2.75 21.65
CA ASP A 661 -31.67 -2.26 22.00
C ASP A 661 -32.39 -1.76 20.75
N LEU A 662 -31.64 -1.62 19.66
CA LEU A 662 -32.20 -1.15 18.41
C LEU A 662 -32.71 -2.32 17.56
N PRO A 663 -33.87 -2.13 16.91
CA PRO A 663 -34.37 -3.11 15.94
C PRO A 663 -33.47 -3.17 14.71
N LEU A 664 -33.68 -4.17 13.85
CA LEU A 664 -32.83 -4.41 12.70
C LEU A 664 -32.68 -3.19 11.79
N ALA A 665 -33.80 -2.60 11.40
CA ALA A 665 -33.79 -1.44 10.51
C ALA A 665 -33.08 -0.25 11.16
N GLU A 666 -33.15 -0.19 12.48
CA GLU A 666 -32.51 0.90 13.23
C GLU A 666 -31.04 0.60 13.45
N GLN A 667 -30.71 -0.69 13.60
CA GLN A 667 -29.33 -1.12 13.71
C GLN A 667 -28.59 -0.85 12.40
N ARG A 668 -29.22 -1.21 11.29
CA ARG A 668 -28.66 -0.99 9.96
C ARG A 668 -28.49 0.51 9.71
N GLU A 669 -29.44 1.29 10.19
CA GLU A 669 -29.40 2.74 10.02
C GLU A 669 -28.27 3.35 10.84
N ALA A 670 -27.98 2.74 11.98
CA ALA A 670 -26.93 3.21 12.87
C ALA A 670 -25.55 3.13 12.21
N CYS A 671 -25.24 1.96 11.65
CA CYS A 671 -23.95 1.72 11.03
C CYS A 671 -23.70 2.62 9.81
N ARG A 672 -24.78 3.19 9.27
CA ARG A 672 -24.68 4.07 8.12
C ARG A 672 -24.04 5.41 8.49
N ARG A 673 -24.17 5.78 9.76
CA ARG A 673 -23.68 7.08 10.21
C ARG A 673 -22.75 6.99 11.42
N ALA A 674 -22.61 5.79 11.97
CA ALA A 674 -21.79 5.60 13.16
C ALA A 674 -20.31 5.78 12.88
N CYS A 675 -19.58 6.23 13.90
CA CYS A 675 -18.13 6.43 13.79
C CYS A 675 -17.41 5.85 15.01
N CYS A 676 -18.19 5.35 15.97
CA CYS A 676 -17.62 4.82 17.20
C CYS A 676 -18.50 3.74 17.83
N PHE A 677 -17.89 2.58 18.06
CA PHE A 677 -18.55 1.48 18.77
C PHE A 677 -17.74 1.07 19.99
N ALA A 678 -18.34 1.21 21.17
CA ALA A 678 -17.64 0.99 22.42
C ALA A 678 -18.19 -0.21 23.18
N ARG A 679 -17.28 -1.04 23.71
CA ARG A 679 -17.64 -2.22 24.51
C ARG A 679 -18.66 -3.09 23.78
N VAL A 680 -18.21 -3.73 22.70
CA VAL A 680 -19.08 -4.55 21.89
C VAL A 680 -18.67 -6.02 21.94
N GLU A 681 -19.66 -6.89 21.75
CA GLU A 681 -19.39 -8.33 21.68
C GLU A 681 -18.69 -8.66 20.37
N PRO A 682 -17.92 -9.76 20.34
CA PRO A 682 -17.21 -10.13 19.11
C PRO A 682 -18.15 -10.44 17.95
N SER A 683 -19.41 -10.76 18.26
CA SER A 683 -20.40 -11.03 17.23
C SER A 683 -20.89 -9.75 16.57
N HIS A 684 -20.72 -8.63 17.25
CA HIS A 684 -21.15 -7.34 16.73
C HIS A 684 -20.38 -6.92 15.48
N LYS A 685 -19.13 -7.36 15.39
CA LYS A 685 -18.30 -7.02 14.24
C LYS A 685 -18.89 -7.57 12.94
N SER A 686 -19.44 -8.77 13.01
CA SER A 686 -20.08 -9.38 11.85
C SER A 686 -21.34 -8.63 11.48
N LYS A 687 -22.12 -8.24 12.48
CA LYS A 687 -23.34 -7.49 12.25
C LYS A 687 -23.05 -6.13 11.62
N ILE A 688 -21.99 -5.48 12.08
CA ILE A 688 -21.58 -4.19 11.55
C ILE A 688 -21.21 -4.33 10.07
N VAL A 689 -20.41 -5.33 9.76
CA VAL A 689 -20.01 -5.61 8.38
C VAL A 689 -21.24 -5.87 7.50
N GLU A 690 -22.15 -6.68 7.98
CA GLU A 690 -23.39 -7.01 7.26
C GLU A 690 -24.18 -5.76 6.88
N TYR A 691 -24.36 -4.86 7.85
CA TYR A 691 -25.13 -3.64 7.62
C TYR A 691 -24.39 -2.67 6.71
N LEU A 692 -23.07 -2.66 6.78
CA LEU A 692 -22.27 -1.82 5.90
C LEU A 692 -22.35 -2.34 4.47
N GLN A 693 -22.32 -3.65 4.32
CA GLN A 693 -22.41 -4.28 3.00
C GLN A 693 -23.79 -4.08 2.37
N SER A 694 -24.79 -3.82 3.21
CA SER A 694 -26.14 -3.58 2.73
C SER A 694 -26.26 -2.17 2.15
N TYR A 695 -25.21 -1.37 2.33
CA TYR A 695 -25.14 -0.04 1.73
C TYR A 695 -24.07 0.00 0.65
N ASP A 696 -23.70 -1.17 0.16
CA ASP A 696 -22.70 -1.31 -0.90
C ASP A 696 -21.36 -0.70 -0.52
N GLU A 697 -21.02 -0.78 0.76
CA GLU A 697 -19.74 -0.26 1.25
C GLU A 697 -18.66 -1.32 1.22
N ILE A 698 -17.55 -1.03 0.55
CA ILE A 698 -16.39 -1.91 0.58
C ILE A 698 -15.75 -1.79 1.96
N THR A 699 -15.99 -2.78 2.81
CA THR A 699 -15.66 -2.69 4.22
C THR A 699 -14.33 -3.34 4.59
N ALA A 700 -13.55 -2.63 5.40
CA ALA A 700 -12.31 -3.17 5.96
C ALA A 700 -12.46 -3.30 7.48
N MET A 701 -12.24 -4.50 7.99
CA MET A 701 -12.39 -4.78 9.42
C MET A 701 -11.09 -5.31 10.02
N THR A 702 -10.75 -4.83 11.21
CA THR A 702 -9.53 -5.30 11.89
C THR A 702 -9.84 -6.39 12.91
N GLY A 703 -8.87 -7.27 13.13
CA GLY A 703 -9.03 -8.36 14.08
C GLY A 703 -7.69 -8.92 14.50
N ASP A 704 -7.67 -9.64 15.63
CA ASP A 704 -6.43 -10.19 16.17
C ASP A 704 -6.60 -11.62 16.70
N GLY A 705 -7.84 -12.03 16.94
CA GLY A 705 -8.09 -13.33 17.53
C GLY A 705 -9.09 -14.19 16.76
N VAL A 706 -9.40 -15.35 17.33
CA VAL A 706 -10.35 -16.27 16.72
C VAL A 706 -11.74 -15.64 16.61
N ASN A 707 -12.10 -14.87 17.63
CA ASN A 707 -13.41 -14.21 17.68
C ASN A 707 -13.62 -13.22 16.55
N ASP A 708 -12.53 -12.83 15.91
CA ASP A 708 -12.58 -11.84 14.83
C ASP A 708 -12.56 -12.51 13.45
N ALA A 709 -12.15 -13.78 13.42
CA ALA A 709 -12.04 -14.54 12.18
C ALA A 709 -13.31 -14.58 11.33
N PRO A 710 -14.50 -14.75 11.95
CA PRO A 710 -15.70 -14.69 11.11
C PRO A 710 -15.90 -13.33 10.44
N ALA A 711 -15.66 -12.26 11.19
CA ALA A 711 -15.83 -10.91 10.67
C ALA A 711 -14.77 -10.58 9.62
N LEU A 712 -13.57 -11.14 9.79
CA LEU A 712 -12.48 -10.90 8.86
C LEU A 712 -12.77 -11.51 7.50
N LYS A 713 -13.38 -12.70 7.49
CA LYS A 713 -13.74 -13.36 6.25
C LYS A 713 -14.87 -12.61 5.55
N LYS A 714 -15.86 -12.20 6.33
CA LYS A 714 -17.06 -11.56 5.78
C LYS A 714 -16.74 -10.21 5.13
N ALA A 715 -15.89 -9.42 5.79
CA ALA A 715 -15.50 -8.11 5.27
C ALA A 715 -14.72 -8.24 3.97
N GLU A 716 -14.87 -7.23 3.10
CA GLU A 716 -14.17 -7.19 1.82
C GLU A 716 -12.65 -7.26 2.02
N ILE A 717 -12.15 -6.46 2.95
CA ILE A 717 -10.73 -6.48 3.29
C ILE A 717 -10.54 -6.88 4.76
N GLY A 718 -10.22 -8.15 4.99
CA GLY A 718 -9.92 -8.62 6.32
C GLY A 718 -8.52 -8.18 6.71
N ILE A 719 -8.41 -7.51 7.86
CA ILE A 719 -7.13 -6.99 8.30
C ILE A 719 -6.71 -7.56 9.64
N ALA A 720 -5.70 -8.42 9.62
CA ALA A 720 -5.22 -9.06 10.84
C ALA A 720 -3.95 -8.39 11.35
N MET A 721 -3.71 -8.51 12.65
CA MET A 721 -2.52 -7.94 13.27
C MET A 721 -1.33 -8.88 13.17
N GLY A 722 -0.15 -8.33 12.91
CA GLY A 722 1.06 -9.11 12.87
C GLY A 722 1.39 -9.71 14.22
N SER A 723 0.97 -9.01 15.27
CA SER A 723 1.14 -9.50 16.64
C SER A 723 -0.01 -10.41 17.04
N GLY A 724 -0.99 -10.55 16.16
CA GLY A 724 -2.16 -11.35 16.42
C GLY A 724 -1.95 -12.83 16.12
N THR A 725 -2.99 -13.63 16.39
CA THR A 725 -2.93 -15.06 16.18
C THR A 725 -2.97 -15.41 14.69
N ALA A 726 -2.42 -16.57 14.35
CA ALA A 726 -2.31 -16.99 12.95
C ALA A 726 -3.66 -17.36 12.36
N VAL A 727 -4.62 -17.70 13.20
CA VAL A 727 -5.96 -18.04 12.74
C VAL A 727 -6.62 -16.82 12.11
N ALA A 728 -6.40 -15.65 12.71
CA ALA A 728 -6.96 -14.41 12.20
C ALA A 728 -6.29 -14.01 10.89
N LYS A 729 -5.00 -14.32 10.77
CA LYS A 729 -4.26 -14.01 9.55
C LYS A 729 -4.79 -14.80 8.36
N THR A 730 -5.18 -16.05 8.61
CA THR A 730 -5.70 -16.91 7.57
C THR A 730 -7.04 -16.41 7.05
N ALA A 731 -7.79 -15.75 7.94
CA ALA A 731 -9.12 -15.25 7.60
C ALA A 731 -9.09 -13.83 7.08
N SER A 732 -7.89 -13.29 6.87
CA SER A 732 -7.74 -11.89 6.48
C SER A 732 -7.18 -11.74 5.07
N GLU A 733 -7.35 -10.56 4.49
CA GLU A 733 -6.81 -10.26 3.17
C GLU A 733 -5.49 -9.49 3.28
N MET A 734 -5.21 -9.00 4.49
CA MET A 734 -3.99 -8.22 4.73
C MET A 734 -3.54 -8.36 6.18
N VAL A 735 -2.22 -8.38 6.39
CA VAL A 735 -1.65 -8.46 7.73
C VAL A 735 -0.82 -7.21 8.04
N LEU A 736 -1.10 -6.60 9.18
CA LEU A 736 -0.35 -5.41 9.61
C LEU A 736 0.88 -5.77 10.41
N ALA A 737 2.05 -5.63 9.80
CA ALA A 737 3.31 -5.82 10.52
C ALA A 737 3.47 -4.72 11.56
N ASP A 738 2.95 -3.54 11.23
CA ASP A 738 2.99 -2.39 12.12
C ASP A 738 1.98 -2.50 13.26
N ASP A 739 0.84 -3.15 12.97
CA ASP A 739 -0.36 -3.10 13.79
C ASP A 739 -0.92 -1.68 13.82
N ASN A 740 -0.36 -0.80 12.99
CA ASN A 740 -0.73 0.62 12.99
C ASN A 740 -1.84 0.93 11.99
N PHE A 741 -2.78 1.77 12.42
CA PHE A 741 -3.90 2.17 11.58
C PHE A 741 -3.41 2.91 10.33
N SER A 742 -2.32 3.65 10.49
CA SER A 742 -1.75 4.42 9.39
C SER A 742 -1.35 3.53 8.22
N THR A 743 -0.92 2.31 8.55
CA THR A 743 -0.51 1.35 7.54
C THR A 743 -1.67 0.96 6.64
N ILE A 744 -2.85 0.80 7.23
CA ILE A 744 -4.04 0.48 6.46
C ILE A 744 -4.32 1.54 5.41
N VAL A 745 -4.32 2.80 5.85
CA VAL A 745 -4.58 3.93 4.95
C VAL A 745 -3.55 4.01 3.85
N ALA A 746 -2.30 3.72 4.20
CA ALA A 746 -1.21 3.70 3.22
C ALA A 746 -1.44 2.61 2.18
N ALA A 747 -1.94 1.46 2.64
CA ALA A 747 -2.21 0.33 1.76
C ALA A 747 -3.36 0.65 0.81
N VAL A 748 -4.34 1.39 1.30
CA VAL A 748 -5.48 1.81 0.48
C VAL A 748 -5.02 2.77 -0.61
N GLU A 749 -4.18 3.73 -0.23
CA GLU A 749 -3.68 4.72 -1.19
C GLU A 749 -2.86 4.06 -2.28
N GLU A 750 -2.06 3.06 -1.92
CA GLU A 750 -1.25 2.33 -2.90
C GLU A 750 -2.14 1.59 -3.89
N GLY A 751 -3.24 1.03 -3.39
CA GLY A 751 -4.19 0.32 -4.23
C GLY A 751 -4.81 1.26 -5.25
N ARG A 752 -5.13 2.47 -4.80
CA ARG A 752 -5.68 3.49 -5.68
C ARG A 752 -4.64 3.94 -6.70
N ALA A 753 -3.38 3.91 -6.29
CA ALA A 753 -2.26 4.30 -7.14
C ALA A 753 -2.04 3.29 -8.26
N ILE A 754 -2.09 2.01 -7.90
CA ILE A 754 -1.90 0.93 -8.87
C ILE A 754 -2.94 0.99 -9.97
N TYR A 755 -4.20 1.25 -9.58
CA TYR A 755 -5.28 1.35 -10.55
C TYR A 755 -5.10 2.53 -11.48
N ASN A 756 -4.68 3.67 -10.93
CA ASN A 756 -4.49 4.89 -11.72
C ASN A 756 -3.40 4.75 -12.77
N ASN A 757 -2.33 4.02 -12.42
CA ASN A 757 -1.25 3.77 -13.35
C ASN A 757 -1.73 2.94 -14.54
N MET A 758 -2.71 2.09 -14.28
CA MET A 758 -3.32 1.30 -15.35
C MET A 758 -4.10 2.17 -16.31
N LYS A 759 -4.88 3.09 -15.75
CA LYS A 759 -5.73 3.98 -16.54
C LYS A 759 -4.90 4.90 -17.44
N GLN A 760 -3.85 5.48 -16.87
CA GLN A 760 -2.97 6.36 -17.63
C GLN A 760 -2.21 5.59 -18.69
N PHE A 761 -1.96 4.30 -18.42
CA PHE A 761 -1.35 3.42 -19.39
C PHE A 761 -2.31 3.14 -20.54
N ILE A 762 -3.58 2.92 -20.18
CA ILE A 762 -4.62 2.64 -21.17
C ILE A 762 -4.94 3.90 -21.98
N ARG A 763 -5.02 5.04 -21.31
CA ARG A 763 -5.34 6.30 -21.97
C ARG A 763 -4.31 6.66 -23.04
N TYR A 764 -3.03 6.54 -22.70
CA TYR A 764 -1.97 6.86 -23.65
C TYR A 764 -2.02 5.99 -24.89
N LEU A 765 -2.12 4.68 -24.69
CA LEU A 765 -2.13 3.74 -25.82
C LEU A 765 -3.36 3.92 -26.71
N ILE A 766 -4.53 3.95 -26.09
CA ILE A 766 -5.77 4.03 -26.86
C ILE A 766 -5.88 5.35 -27.62
N SER A 767 -5.68 6.46 -26.93
CA SER A 767 -5.81 7.78 -27.55
C SER A 767 -4.82 7.95 -28.71
N SER A 768 -3.58 7.55 -28.48
CA SER A 768 -2.54 7.66 -29.50
C SER A 768 -2.85 6.78 -30.71
N ASN A 769 -3.26 5.54 -30.44
CA ASN A 769 -3.56 4.59 -31.51
C ASN A 769 -4.87 4.91 -32.21
N VAL A 770 -5.75 5.65 -31.52
CA VAL A 770 -6.98 6.13 -32.15
C VAL A 770 -6.61 7.06 -33.30
N GLY A 771 -5.66 7.96 -33.04
CA GLY A 771 -5.19 8.89 -34.04
C GLY A 771 -4.52 8.19 -35.20
N GLU A 772 -3.83 7.08 -34.91
CA GLU A 772 -3.19 6.28 -35.95
C GLU A 772 -4.22 5.73 -36.92
N VAL A 773 -5.36 5.31 -36.38
CA VAL A 773 -6.46 4.81 -37.20
C VAL A 773 -7.15 5.96 -37.94
N VAL A 774 -7.37 7.06 -37.23
CA VAL A 774 -7.96 8.26 -37.82
C VAL A 774 -7.12 8.76 -38.99
N CYS A 775 -5.80 8.76 -38.80
CA CYS A 775 -4.85 9.21 -39.82
C CYS A 775 -5.03 8.47 -41.14
N ILE A 776 -5.13 7.15 -41.07
CA ILE A 776 -5.30 6.32 -42.26
C ILE A 776 -6.64 6.60 -42.94
N PHE A 777 -7.69 6.81 -42.14
CA PHE A 777 -9.02 7.07 -42.68
C PHE A 777 -9.18 8.50 -43.16
N LEU A 778 -8.49 9.42 -42.51
CA LEU A 778 -8.59 10.85 -42.86
C LEU A 778 -8.02 11.12 -44.24
N THR A 779 -6.90 10.47 -44.57
CA THR A 779 -6.27 10.64 -45.86
C THR A 779 -6.99 9.83 -46.93
N ALA A 780 -7.89 8.94 -46.49
CA ALA A 780 -8.65 8.11 -47.42
C ALA A 780 -10.03 8.69 -47.68
N ALA A 781 -10.66 9.21 -46.64
CA ALA A 781 -11.99 9.80 -46.76
C ALA A 781 -11.94 11.08 -47.58
N LEU A 782 -10.91 11.90 -47.34
CA LEU A 782 -10.73 13.13 -48.09
C LEU A 782 -10.28 12.84 -49.52
N GLY A 783 -9.24 12.02 -49.65
CA GLY A 783 -8.71 11.66 -50.96
C GLY A 783 -7.26 12.08 -51.11
N LEU A 784 -6.67 12.52 -50.01
CA LEU A 784 -5.28 12.94 -50.00
C LEU A 784 -4.33 11.78 -50.27
N PRO A 785 -3.12 12.08 -50.79
CA PRO A 785 -2.09 11.05 -50.94
C PRO A 785 -1.77 10.37 -49.61
N GLU A 786 -1.61 9.05 -49.64
CA GLU A 786 -1.36 8.28 -48.42
C GLU A 786 -0.11 8.74 -47.70
N ALA A 787 -0.15 8.71 -46.37
CA ALA A 787 0.94 9.24 -45.57
C ALA A 787 1.84 8.15 -44.98
N LEU A 788 1.30 6.95 -44.84
CA LEU A 788 2.03 5.86 -44.20
C LEU A 788 2.04 4.57 -45.02
N ILE A 789 3.15 3.86 -44.95
CA ILE A 789 3.31 2.57 -45.63
C ILE A 789 3.54 1.49 -44.56
N PRO A 790 3.28 0.20 -44.89
CA PRO A 790 3.38 -0.92 -43.94
C PRO A 790 4.55 -0.87 -42.95
N VAL A 791 5.77 -0.70 -43.44
CA VAL A 791 6.94 -0.73 -42.56
C VAL A 791 6.98 0.50 -41.65
N GLN A 792 6.34 1.58 -42.07
CA GLN A 792 6.27 2.79 -41.25
C GLN A 792 5.28 2.61 -40.11
N LEU A 793 4.20 1.88 -40.38
CA LEU A 793 3.21 1.57 -39.36
C LEU A 793 3.80 0.68 -38.29
N LEU A 794 4.63 -0.27 -38.70
CA LEU A 794 5.31 -1.16 -37.75
C LEU A 794 6.33 -0.39 -36.93
N TRP A 795 6.87 0.67 -37.51
CA TRP A 795 7.84 1.51 -36.83
C TRP A 795 7.20 2.31 -35.70
N VAL A 796 6.05 2.90 -35.99
CA VAL A 796 5.29 3.64 -34.98
C VAL A 796 4.91 2.71 -33.84
N ASN A 797 4.50 1.50 -34.19
CA ASN A 797 4.14 0.49 -33.21
C ASN A 797 5.30 0.16 -32.28
N LEU A 798 6.49 0.03 -32.84
CA LEU A 798 7.68 -0.28 -32.07
C LEU A 798 8.08 0.87 -31.16
N VAL A 799 8.05 2.09 -31.72
CA VAL A 799 8.54 3.28 -31.02
C VAL A 799 7.58 3.77 -29.94
N THR A 800 6.30 3.90 -30.29
CA THR A 800 5.34 4.55 -29.41
C THR A 800 4.67 3.60 -28.42
N ASP A 801 4.54 2.33 -28.80
CA ASP A 801 3.87 1.35 -27.94
C ASP A 801 4.85 0.49 -27.15
N GLY A 802 6.13 0.77 -27.30
CA GLY A 802 7.16 -0.01 -26.64
C GLY A 802 7.55 0.52 -25.27
N LEU A 803 8.80 0.95 -25.16
CA LEU A 803 9.36 1.43 -23.90
C LEU A 803 8.62 2.64 -23.30
N PRO A 804 8.22 3.65 -24.11
CA PRO A 804 7.47 4.75 -23.51
C PRO A 804 6.17 4.30 -22.84
N ALA A 805 5.54 3.28 -23.41
CA ALA A 805 4.30 2.74 -22.85
C ALA A 805 4.56 2.03 -21.54
N THR A 806 5.62 1.20 -21.51
CA THR A 806 5.95 0.40 -20.34
C THR A 806 6.35 1.27 -19.15
N ALA A 807 7.07 2.36 -19.42
CA ALA A 807 7.59 3.23 -18.38
C ALA A 807 6.48 3.97 -17.63
N LEU A 808 5.30 4.04 -18.22
CA LEU A 808 4.16 4.72 -17.58
C LEU A 808 3.68 3.97 -16.35
N GLY A 809 4.07 2.71 -16.24
CA GLY A 809 3.71 1.91 -15.08
C GLY A 809 4.53 2.31 -13.86
N PHE A 810 5.62 3.02 -14.09
CA PHE A 810 6.50 3.47 -13.01
C PHE A 810 6.16 4.89 -12.59
N ASN A 811 4.96 5.35 -12.92
CA ASN A 811 4.50 6.67 -12.54
C ASN A 811 4.31 6.79 -11.03
N PRO A 812 4.75 7.93 -10.46
CA PRO A 812 4.56 8.21 -9.04
C PRO A 812 3.09 8.32 -8.68
N PRO A 813 2.75 8.11 -7.40
CA PRO A 813 1.36 8.27 -6.94
C PRO A 813 0.83 9.66 -7.29
N ASP A 814 -0.40 9.71 -7.80
CA ASP A 814 -1.02 10.96 -8.20
C ASP A 814 -1.15 11.90 -7.01
N LEU A 815 -1.22 13.20 -7.28
CA LEU A 815 -1.27 14.19 -6.22
C LEU A 815 -2.61 14.20 -5.50
N ASP A 816 -3.70 14.20 -6.28
CA ASP A 816 -5.04 14.22 -5.72
C ASP A 816 -5.59 12.81 -5.52
N ILE A 817 -4.69 11.88 -5.22
CA ILE A 817 -5.05 10.47 -5.12
C ILE A 817 -5.97 10.19 -3.92
N MET A 818 -5.84 11.00 -2.87
CA MET A 818 -6.68 10.85 -1.69
C MET A 818 -7.62 12.03 -1.53
N ASP A 819 -7.87 12.73 -2.63
CA ASP A 819 -8.83 13.84 -2.65
C ASP A 819 -10.07 13.43 -3.41
N ARG A 820 -10.09 12.19 -3.89
CA ARG A 820 -11.20 11.66 -4.65
C ARG A 820 -11.93 10.58 -3.85
N PRO A 821 -13.24 10.44 -4.06
CA PRO A 821 -14.03 9.39 -3.37
C PRO A 821 -13.62 8.00 -3.81
N PRO A 822 -13.94 6.97 -3.00
CA PRO A 822 -13.59 5.59 -3.33
C PRO A 822 -14.20 5.13 -4.64
N ARG A 823 -13.42 4.45 -5.47
CA ARG A 823 -13.88 3.96 -6.76
C ARG A 823 -14.90 2.85 -6.59
N SER A 824 -16.03 2.96 -7.29
CA SER A 824 -17.06 1.95 -7.26
C SER A 824 -16.73 0.80 -8.22
N PRO A 825 -16.71 -0.43 -7.71
CA PRO A 825 -16.44 -1.62 -8.53
C PRO A 825 -17.49 -1.81 -9.62
N LYS A 826 -18.64 -1.17 -9.49
CA LYS A 826 -19.70 -1.26 -10.47
C LYS A 826 -19.50 -0.30 -11.63
N GLU A 827 -18.61 0.67 -11.45
CA GLU A 827 -18.35 1.66 -12.50
C GLU A 827 -17.66 1.00 -13.69
N PRO A 828 -17.91 1.52 -14.91
CA PRO A 828 -17.27 0.96 -16.10
C PRO A 828 -15.77 1.21 -16.11
N LEU A 829 -15.04 0.42 -16.90
CA LEU A 829 -13.60 0.59 -17.03
C LEU A 829 -13.26 1.94 -17.62
N ILE A 830 -14.05 2.35 -18.61
CA ILE A 830 -13.88 3.64 -19.26
C ILE A 830 -15.18 4.44 -19.23
N SER A 831 -15.15 5.57 -18.55
CA SER A 831 -16.33 6.43 -18.46
C SER A 831 -16.56 7.16 -19.79
N GLY A 832 -17.73 7.78 -19.91
CA GLY A 832 -18.09 8.50 -21.12
C GLY A 832 -17.17 9.67 -21.40
N TRP A 833 -16.88 10.45 -20.36
CA TRP A 833 -15.97 11.59 -20.49
C TRP A 833 -14.57 11.13 -20.81
N LEU A 834 -14.18 9.99 -20.25
CA LEU A 834 -12.87 9.41 -20.50
C LEU A 834 -12.77 8.95 -21.95
N PHE A 835 -13.86 8.40 -22.46
CA PHE A 835 -13.93 7.99 -23.86
C PHE A 835 -13.83 9.20 -24.78
N PHE A 836 -14.41 10.31 -24.33
CA PHE A 836 -14.34 11.57 -25.07
C PHE A 836 -12.91 12.09 -25.11
N ARG A 837 -12.22 11.98 -23.97
CA ARG A 837 -10.82 12.40 -23.88
C ARG A 837 -9.96 11.60 -24.86
N TYR A 838 -10.31 10.34 -25.06
CA TYR A 838 -9.61 9.48 -26.01
C TYR A 838 -9.82 9.98 -27.44
N MET A 839 -11.06 10.29 -27.77
CA MET A 839 -11.40 10.76 -29.11
C MET A 839 -10.88 12.18 -29.35
N ALA A 840 -10.79 12.95 -28.28
CA ALA A 840 -10.30 14.32 -28.38
C ALA A 840 -8.82 14.36 -28.72
N ILE A 841 -8.01 13.71 -27.88
CA ILE A 841 -6.58 13.63 -28.12
C ILE A 841 -6.29 12.83 -29.38
N GLY A 842 -7.01 11.74 -29.57
CA GLY A 842 -6.86 10.90 -30.74
C GLY A 842 -7.25 11.62 -32.01
N GLY A 843 -8.35 12.38 -31.95
CA GLY A 843 -8.83 13.12 -33.09
C GLY A 843 -7.82 14.15 -33.58
N TYR A 844 -7.01 14.65 -32.67
CA TYR A 844 -6.01 15.66 -33.02
C TYR A 844 -4.74 15.04 -33.58
N VAL A 845 -4.19 14.05 -32.87
CA VAL A 845 -2.94 13.42 -33.29
C VAL A 845 -3.08 12.74 -34.64
N GLY A 846 -4.32 12.39 -35.01
CA GLY A 846 -4.61 11.82 -36.30
C GLY A 846 -4.65 12.89 -37.37
N ALA A 847 -5.24 14.03 -37.03
CA ALA A 847 -5.35 15.15 -37.94
C ALA A 847 -4.02 15.88 -38.09
N ALA A 848 -3.30 16.02 -36.98
CA ALA A 848 -2.01 16.70 -36.98
C ALA A 848 -0.98 15.92 -37.80
N THR A 849 -1.21 14.62 -37.93
CA THR A 849 -0.33 13.77 -38.73
C THR A 849 -0.61 13.96 -40.22
N VAL A 850 -1.88 13.84 -40.60
CA VAL A 850 -2.30 14.02 -41.99
C VAL A 850 -2.11 15.48 -42.41
N GLY A 851 -2.43 16.39 -41.50
CA GLY A 851 -2.29 17.81 -41.76
C GLY A 851 -0.86 18.22 -42.03
N ALA A 852 0.08 17.52 -41.40
CA ALA A 852 1.50 17.80 -41.58
C ALA A 852 1.96 17.32 -42.97
N ALA A 853 1.34 16.26 -43.46
CA ALA A 853 1.65 15.72 -44.77
C ALA A 853 1.03 16.60 -45.86
N ALA A 854 -0.19 17.06 -45.62
CA ALA A 854 -0.87 17.94 -46.55
C ALA A 854 -0.25 19.33 -46.50
N TRP A 855 0.45 19.63 -45.42
CA TRP A 855 1.16 20.90 -45.26
C TRP A 855 2.25 21.04 -46.31
N TRP A 856 2.85 19.92 -46.70
CA TRP A 856 3.90 19.92 -47.70
C TRP A 856 3.32 20.12 -49.09
N PHE A 857 2.02 19.89 -49.22
CA PHE A 857 1.34 20.03 -50.51
C PHE A 857 0.51 21.32 -50.58
N MET A 858 -0.39 21.49 -49.61
CA MET A 858 -1.26 22.67 -49.56
C MET A 858 -0.84 24.09 -49.16
N TYR A 859 -0.03 24.18 -48.11
CA TYR A 859 0.45 25.47 -47.63
C TYR A 859 1.92 25.13 -47.44
N ALA A 860 2.60 24.80 -48.54
CA ALA A 860 4.01 24.43 -48.48
C ALA A 860 4.89 25.64 -48.20
N GLU A 861 5.77 25.51 -47.20
CA GLU A 861 6.66 26.60 -46.81
C GLU A 861 8.11 26.23 -47.07
N ASP A 862 8.73 26.96 -48.01
CA ASP A 862 10.11 26.71 -48.43
C ASP A 862 10.31 25.28 -48.92
N GLY A 863 9.27 24.73 -49.53
CA GLY A 863 9.33 23.37 -50.05
C GLY A 863 8.51 23.22 -51.32
N PRO A 864 8.92 22.29 -52.20
CA PRO A 864 8.23 22.05 -53.47
C PRO A 864 6.82 21.53 -53.30
N GLY A 865 6.00 21.66 -54.33
CA GLY A 865 4.62 21.21 -54.29
C GLY A 865 3.74 22.15 -53.49
N VAL A 866 3.42 23.30 -54.08
CA VAL A 866 2.57 24.28 -53.42
C VAL A 866 1.21 24.38 -54.12
N THR A 867 0.29 23.52 -53.72
CA THR A 867 -1.05 23.50 -54.32
C THR A 867 -2.14 23.47 -53.25
N TYR A 868 -2.81 24.60 -53.06
CA TYR A 868 -3.89 24.69 -52.09
C TYR A 868 -5.19 24.13 -52.65
N HIS A 869 -5.15 23.74 -53.92
CA HIS A 869 -6.34 23.23 -54.60
C HIS A 869 -6.58 21.75 -54.33
N GLN A 870 -7.25 21.09 -55.27
CA GLN A 870 -7.68 19.71 -55.09
C GLN A 870 -6.52 18.72 -55.07
N LEU A 871 -6.34 18.07 -53.93
CA LEU A 871 -5.39 16.96 -53.82
C LEU A 871 -6.17 15.66 -53.79
N THR A 872 -7.50 15.78 -53.79
CA THR A 872 -8.39 14.64 -53.75
C THR A 872 -8.23 13.74 -54.96
N HIS A 873 -8.45 14.31 -56.14
CA HIS A 873 -8.32 13.56 -57.38
C HIS A 873 -6.89 13.63 -57.91
N PHE A 874 -5.94 13.21 -57.09
CA PHE A 874 -4.54 13.22 -57.46
C PHE A 874 -4.23 12.15 -58.49
N MET A 875 -5.11 11.16 -58.59
CA MET A 875 -4.96 10.09 -59.56
C MET A 875 -5.31 10.57 -60.97
N GLN A 876 -5.81 11.80 -61.06
CA GLN A 876 -6.18 12.39 -62.33
C GLN A 876 -5.17 13.43 -62.77
N CYS A 877 -4.02 13.46 -62.10
CA CYS A 877 -2.93 14.37 -62.45
C CYS A 877 -2.34 13.99 -63.81
N THR A 878 -2.34 12.71 -64.11
CA THR A 878 -1.85 12.22 -65.39
C THR A 878 -2.99 12.16 -66.41
N GLU A 879 -4.11 12.79 -66.07
CA GLU A 879 -5.27 12.87 -66.95
C GLU A 879 -5.49 14.31 -67.40
N ASP A 880 -5.40 15.24 -66.45
CA ASP A 880 -5.52 16.66 -66.73
C ASP A 880 -4.32 17.42 -66.19
N HIS A 881 -3.31 17.50 -67.04
CA HIS A 881 -2.04 18.14 -66.73
C HIS A 881 -2.03 19.65 -66.74
N PRO A 882 -2.98 20.35 -67.36
CA PRO A 882 -2.77 21.81 -67.27
C PRO A 882 -3.17 22.38 -65.91
N HIS A 883 -2.76 21.72 -64.83
CA HIS A 883 -3.07 22.18 -63.48
C HIS A 883 -1.82 22.34 -62.63
N PHE A 884 -0.68 21.86 -63.14
CA PHE A 884 0.58 22.02 -62.43
C PHE A 884 1.41 23.13 -63.06
N GLU A 885 2.48 23.51 -62.38
CA GLU A 885 3.38 24.56 -62.88
C GLU A 885 4.83 24.23 -62.54
N GLY A 886 5.48 23.46 -63.41
CA GLY A 886 6.87 23.09 -63.24
C GLY A 886 7.10 22.01 -62.20
N LEU A 887 6.08 21.19 -61.96
CA LEU A 887 6.17 20.13 -60.97
C LEU A 887 5.53 18.83 -61.49
N ASP A 888 6.32 17.76 -61.50
CA ASP A 888 5.84 16.47 -61.99
C ASP A 888 4.74 15.89 -61.11
N CYS A 889 4.09 14.84 -61.59
CA CYS A 889 3.02 14.19 -60.85
C CYS A 889 3.56 13.19 -59.84
N GLU A 890 4.87 12.92 -59.92
CA GLU A 890 5.51 12.00 -59.00
C GLU A 890 5.93 12.70 -57.72
N ILE A 891 5.62 13.98 -57.61
CA ILE A 891 5.92 14.73 -56.40
C ILE A 891 4.87 14.43 -55.34
N PHE A 892 3.78 13.79 -55.76
CA PHE A 892 2.77 13.30 -54.83
C PHE A 892 3.33 12.07 -54.11
N GLU A 893 4.24 11.38 -54.77
CA GLU A 893 4.86 10.18 -54.22
C GLU A 893 6.15 10.53 -53.49
N ALA A 894 6.36 11.82 -53.22
CA ALA A 894 7.57 12.28 -52.53
C ALA A 894 7.64 11.74 -51.11
N PRO A 895 8.86 11.43 -50.65
CA PRO A 895 9.07 10.94 -49.28
C PRO A 895 9.05 12.06 -48.26
N GLU A 896 8.78 13.29 -48.71
CA GLU A 896 8.79 14.46 -47.84
C GLU A 896 7.55 14.56 -46.95
N PRO A 897 6.34 14.44 -47.52
CA PRO A 897 5.18 14.54 -46.62
C PRO A 897 5.06 13.33 -45.71
N MET A 898 5.44 12.16 -46.21
CA MET A 898 5.41 10.94 -45.41
C MET A 898 6.36 11.05 -44.22
N THR A 899 7.50 11.69 -44.44
CA THR A 899 8.48 11.87 -43.38
C THR A 899 7.94 12.84 -42.33
N MET A 900 7.27 13.88 -42.80
CA MET A 900 6.60 14.83 -41.90
C MET A 900 5.51 14.13 -41.11
N ALA A 901 4.67 13.36 -41.81
CA ALA A 901 3.58 12.64 -41.18
C ALA A 901 4.10 11.63 -40.15
N LEU A 902 5.22 10.98 -40.48
CA LEU A 902 5.78 9.98 -39.58
C LEU A 902 6.46 10.62 -38.37
N SER A 903 7.21 11.69 -38.61
CA SER A 903 7.92 12.39 -37.54
C SER A 903 6.95 13.02 -36.54
N VAL A 904 5.88 13.61 -37.06
CA VAL A 904 4.87 14.23 -36.20
C VAL A 904 4.16 13.17 -35.36
N LEU A 905 3.70 12.12 -36.03
CA LEU A 905 2.99 11.03 -35.37
C LEU A 905 3.79 10.44 -34.21
N VAL A 906 5.09 10.22 -34.43
CA VAL A 906 5.95 9.69 -33.40
C VAL A 906 6.15 10.69 -32.27
N THR A 907 6.45 11.93 -32.63
CA THR A 907 6.71 12.99 -31.67
C THR A 907 5.46 13.35 -30.86
N ILE A 908 4.33 13.47 -31.53
CA ILE A 908 3.10 13.91 -30.88
C ILE A 908 2.61 12.87 -29.88
N GLU A 909 3.03 11.61 -30.06
CA GLU A 909 2.67 10.55 -29.13
C GLU A 909 3.64 10.53 -27.96
N MET A 910 4.90 10.92 -28.22
CA MET A 910 5.86 11.10 -27.15
C MET A 910 5.40 12.24 -26.26
N CYS A 911 4.73 13.22 -26.87
CA CYS A 911 4.11 14.30 -26.13
C CYS A 911 2.93 13.76 -25.32
N ASN A 912 2.11 12.94 -25.96
CA ASN A 912 0.95 12.34 -25.31
C ASN A 912 1.35 11.48 -24.12
N ALA A 913 2.58 10.97 -24.13
CA ALA A 913 3.11 10.19 -23.02
C ALA A 913 3.29 11.08 -21.79
N LEU A 914 3.64 12.34 -22.03
CA LEU A 914 3.79 13.30 -20.95
C LEU A 914 2.43 13.67 -20.37
N ASN A 915 1.40 13.60 -21.22
CA ASN A 915 0.03 13.83 -20.79
C ASN A 915 -0.45 12.72 -19.87
N SER A 916 0.21 11.57 -19.92
CA SER A 916 -0.20 10.41 -19.15
C SER A 916 0.61 10.26 -17.87
N LEU A 917 1.18 11.36 -17.40
CA LEU A 917 1.89 11.37 -16.12
C LEU A 917 0.89 11.46 -14.97
N SER A 918 -0.31 11.92 -15.30
CA SER A 918 -1.40 12.01 -14.34
C SER A 918 -2.72 12.06 -15.11
N GLU A 919 -3.82 11.77 -14.43
CA GLU A 919 -5.11 11.73 -15.10
C GLU A 919 -5.67 13.13 -15.32
N ASN A 920 -5.66 13.96 -14.28
CA ASN A 920 -6.26 15.28 -14.34
C ASN A 920 -5.32 16.41 -13.94
N GLN A 921 -4.22 16.06 -13.28
CA GLN A 921 -3.27 17.07 -12.83
C GLN A 921 -2.44 17.63 -13.98
N SER A 922 -2.17 18.93 -13.92
CA SER A 922 -1.43 19.62 -14.96
C SER A 922 0.04 19.21 -14.98
N LEU A 923 0.70 19.46 -16.10
CA LEU A 923 2.14 19.25 -16.19
C LEU A 923 2.87 20.30 -15.37
N MET A 924 2.17 21.39 -15.11
CA MET A 924 2.72 22.49 -14.31
C MET A 924 2.80 22.08 -12.84
N ARG A 925 1.92 21.15 -12.46
CA ARG A 925 1.88 20.63 -11.09
C ARG A 925 2.56 19.27 -11.02
N MET A 926 2.45 18.51 -12.10
CA MET A 926 3.13 17.22 -12.23
C MET A 926 4.13 17.28 -13.39
N PRO A 927 5.35 17.78 -13.10
CA PRO A 927 6.42 17.99 -14.09
C PRO A 927 6.78 16.75 -14.89
N PRO A 928 7.37 16.94 -16.09
CA PRO A 928 7.78 15.81 -16.93
C PRO A 928 8.93 15.00 -16.32
N TRP A 929 9.68 15.62 -15.40
CA TRP A 929 10.80 14.92 -14.78
C TRP A 929 10.36 14.18 -13.52
N VAL A 930 9.05 14.03 -13.36
CA VAL A 930 8.53 13.26 -12.23
C VAL A 930 8.69 11.77 -12.51
N ASN A 931 8.88 11.44 -13.78
CA ASN A 931 9.11 10.06 -14.21
C ASN A 931 10.36 9.98 -15.08
N ILE A 932 11.47 9.54 -14.48
CA ILE A 932 12.74 9.45 -15.19
C ILE A 932 12.71 8.33 -16.22
N TRP A 933 12.05 7.24 -15.88
CA TRP A 933 11.96 6.08 -16.78
C TRP A 933 11.21 6.41 -18.07
N LEU A 934 10.23 7.31 -17.97
CA LEU A 934 9.49 7.73 -19.16
C LEU A 934 10.37 8.58 -20.06
N LEU A 935 11.08 9.53 -19.47
CA LEU A 935 11.96 10.42 -20.23
C LEU A 935 13.06 9.65 -20.94
N GLY A 936 13.64 8.67 -20.25
CA GLY A 936 14.66 7.83 -20.84
C GLY A 936 14.11 7.03 -22.01
N SER A 937 12.85 6.67 -21.92
CA SER A 937 12.19 5.92 -22.98
C SER A 937 11.89 6.82 -24.18
N ILE A 938 11.58 8.08 -23.89
CA ILE A 938 11.34 9.06 -24.95
C ILE A 938 12.66 9.38 -25.67
N CYS A 939 13.72 9.56 -24.90
CA CYS A 939 15.04 9.80 -25.46
C CYS A 939 15.49 8.64 -26.34
N LEU A 940 15.22 7.42 -25.87
CA LEU A 940 15.56 6.22 -26.62
C LEU A 940 14.74 6.13 -27.91
N SER A 941 13.45 6.44 -27.80
CA SER A 941 12.55 6.38 -28.94
C SER A 941 12.88 7.46 -29.97
N MET A 942 13.28 8.64 -29.48
CA MET A 942 13.66 9.73 -30.36
C MET A 942 15.01 9.45 -31.01
N SER A 943 15.88 8.76 -30.29
CA SER A 943 17.19 8.39 -30.81
C SER A 943 17.04 7.42 -31.97
N LEU A 944 16.14 6.46 -31.83
CA LEU A 944 15.87 5.50 -32.90
C LEU A 944 15.30 6.19 -34.13
N HIS A 945 14.47 7.21 -33.91
CA HIS A 945 13.90 7.97 -35.00
C HIS A 945 14.96 8.84 -35.67
N PHE A 946 15.86 9.39 -34.86
CA PHE A 946 17.00 10.15 -35.38
C PHE A 946 17.94 9.22 -36.13
N LEU A 947 18.04 7.98 -35.66
CA LEU A 947 18.90 6.98 -36.28
C LEU A 947 18.43 6.67 -37.70
N ILE A 948 17.13 6.46 -37.86
CA ILE A 948 16.56 6.09 -39.14
C ILE A 948 16.69 7.21 -40.18
N LEU A 949 16.48 8.45 -39.74
CA LEU A 949 16.44 9.57 -40.67
C LEU A 949 17.81 10.05 -41.16
N TYR A 950 18.85 9.85 -40.35
CA TYR A 950 20.14 10.46 -40.63
C TYR A 950 21.28 9.47 -40.89
N VAL A 951 21.01 8.18 -40.71
CA VAL A 951 22.00 7.17 -41.07
C VAL A 951 21.70 6.61 -42.46
N ASP A 952 22.53 6.97 -43.42
CA ASP A 952 22.26 6.82 -44.85
C ASP A 952 21.56 5.52 -45.33
N PRO A 953 21.98 4.35 -44.83
CA PRO A 953 21.30 3.15 -45.35
C PRO A 953 19.86 2.97 -44.85
N LEU A 954 19.49 3.69 -43.81
CA LEU A 954 18.20 3.48 -43.15
C LEU A 954 16.97 4.15 -43.79
N PRO A 955 17.07 5.43 -44.20
CA PRO A 955 15.82 6.02 -44.71
C PRO A 955 15.42 5.52 -46.08
N MET A 956 16.25 4.67 -46.69
CA MET A 956 15.94 4.10 -47.99
C MET A 956 14.90 2.99 -47.89
N ILE A 957 15.03 2.15 -46.87
CA ILE A 957 14.14 1.02 -46.68
C ILE A 957 12.84 1.42 -46.00
N PHE A 958 12.81 2.64 -45.45
CA PHE A 958 11.60 3.16 -44.82
C PHE A 958 10.96 4.26 -45.66
N LYS A 959 11.56 4.53 -46.82
CA LYS A 959 11.10 5.59 -47.73
C LYS A 959 10.98 6.93 -47.01
N LEU A 960 12.10 7.39 -46.46
CA LEU A 960 12.14 8.66 -45.73
C LEU A 960 13.30 9.53 -46.21
N LYS A 961 13.26 10.80 -45.84
CA LYS A 961 14.35 11.72 -46.15
C LYS A 961 14.62 12.63 -44.95
N ALA A 962 15.89 12.93 -44.70
CA ALA A 962 16.29 13.73 -43.56
C ALA A 962 15.62 15.09 -43.54
N LEU A 963 15.01 15.43 -42.40
CA LEU A 963 14.32 16.71 -42.25
C LEU A 963 15.28 17.81 -41.82
N ASP A 964 15.11 18.99 -42.41
CA ASP A 964 15.92 20.16 -42.07
C ASP A 964 15.61 20.61 -40.65
N LEU A 965 16.53 21.37 -40.06
CA LEU A 965 16.34 21.94 -38.73
C LEU A 965 15.09 22.81 -38.70
N THR A 966 14.82 23.48 -39.82
CA THR A 966 13.62 24.29 -39.96
C THR A 966 12.38 23.41 -40.05
N GLN A 967 12.54 22.26 -40.71
CA GLN A 967 11.44 21.32 -40.90
C GLN A 967 11.11 20.57 -39.62
N TRP A 968 12.11 20.41 -38.75
CA TRP A 968 11.91 19.74 -37.47
C TRP A 968 11.22 20.66 -36.46
N LEU A 969 11.48 21.96 -36.58
CA LEU A 969 10.82 22.94 -35.72
C LEU A 969 9.34 23.05 -36.10
N MET A 970 9.02 22.63 -37.32
CA MET A 970 7.63 22.59 -37.78
C MET A 970 6.92 21.41 -37.14
N VAL A 971 7.67 20.33 -36.90
CA VAL A 971 7.13 19.14 -36.26
C VAL A 971 6.70 19.45 -34.83
N LEU A 972 7.59 20.09 -34.08
CA LEU A 972 7.31 20.46 -32.69
C LEU A 972 6.17 21.48 -32.62
N LYS A 973 6.08 22.33 -33.65
CA LYS A 973 5.06 23.37 -33.69
C LYS A 973 3.65 22.80 -33.78
N ILE A 974 3.54 21.59 -34.33
CA ILE A 974 2.23 20.97 -34.53
C ILE A 974 2.02 19.80 -33.58
N SER A 975 3.11 19.30 -33.00
CA SER A 975 3.03 18.17 -32.07
C SER A 975 2.77 18.62 -30.65
N LEU A 976 3.47 19.65 -30.22
CA LEU A 976 3.32 20.21 -28.87
C LEU A 976 1.90 20.65 -28.49
N PRO A 977 1.12 21.24 -29.43
CA PRO A 977 -0.23 21.63 -29.02
C PRO A 977 -1.19 20.49 -28.65
N VAL A 978 -0.71 19.25 -28.63
CA VAL A 978 -1.52 18.15 -28.13
C VAL A 978 -1.46 18.15 -26.61
N ILE A 979 -0.42 18.79 -26.07
CA ILE A 979 -0.27 18.95 -24.63
C ILE A 979 -1.33 19.92 -24.12
N GLY A 980 -1.42 21.06 -24.78
CA GLY A 980 -2.37 22.09 -24.40
C GLY A 980 -3.80 21.61 -24.49
N LEU A 981 -4.09 20.82 -25.53
CA LEU A 981 -5.42 20.28 -25.73
C LEU A 981 -5.83 19.39 -24.56
N ASP A 982 -4.91 18.53 -24.13
CA ASP A 982 -5.15 17.67 -22.98
C ASP A 982 -5.13 18.49 -21.70
N GLU A 983 -4.30 19.53 -21.69
CA GLU A 983 -4.18 20.42 -20.55
C GLU A 983 -5.49 21.12 -20.27
N ILE A 984 -6.21 21.48 -21.35
CA ILE A 984 -7.53 22.09 -21.22
C ILE A 984 -8.53 21.05 -20.70
N LEU A 985 -8.49 19.85 -21.28
CA LEU A 985 -9.37 18.76 -20.87
C LEU A 985 -9.13 18.39 -19.41
N LYS A 986 -7.87 18.44 -18.99
CA LYS A 986 -7.53 18.20 -17.60
C LYS A 986 -8.14 19.27 -16.70
N PHE A 987 -7.98 20.53 -17.11
CA PHE A 987 -8.50 21.66 -16.35
C PHE A 987 -10.02 21.59 -16.19
N ILE A 988 -10.70 21.17 -17.25
CA ILE A 988 -12.16 21.07 -17.24
C ILE A 988 -12.64 20.01 -16.24
N ALA A 989 -12.06 18.81 -16.32
CA ALA A 989 -12.45 17.71 -15.44
C ALA A 989 -12.04 18.00 -14.00
N ARG A 990 -11.00 18.80 -13.83
CA ARG A 990 -10.46 19.10 -12.51
C ARG A 990 -11.22 20.23 -11.82
N ASN A 991 -11.78 21.14 -12.62
CA ASN A 991 -12.46 22.31 -12.06
C ASN A 991 -13.96 22.34 -12.34
N TYR A 992 -14.54 21.21 -12.72
CA TYR A 992 -15.98 21.15 -12.97
C TYR A 992 -16.57 19.75 -12.72
N LEU A 993 -15.93 18.74 -13.29
CA LEU A 993 -16.43 17.37 -13.16
C LEU A 993 -16.23 16.83 -11.74
N GLU A 994 -15.36 17.47 -10.98
CA GLU A 994 -15.12 17.10 -9.60
C GLU A 994 -14.62 18.29 -8.79
N GLY A 995 -14.86 18.26 -7.48
CA GLY A 995 -14.44 19.34 -6.61
C GLY A 995 -15.22 19.38 -5.30
#